data_8OXN
#
_entry.id   8OXN
#
_cell.length_a   44.800
_cell.length_b   167.790
_cell.length_c   167.910
_cell.angle_alpha   90.000
_cell.angle_beta   90.000
_cell.angle_gamma   90.000
#
_symmetry.space_group_name_H-M   'P 21 21 21'
#
loop_
_entity.id
_entity.type
_entity.pdbx_description
1 polymer '1H-3-hydroxy-4-oxoquinaldine 2,4-dioxygenase'
2 non-polymer 2-methyl-quinolin-4(1H)-one
3 non-polymer GLYCEROL
4 non-polymer 'S,R MESO-TARTARIC ACID'
5 water water
#
_entity_poly.entity_id   1
_entity_poly.type   'polypeptide(L)'
_entity_poly.pdbx_seq_one_letter_code
;MRGSHHHHHHGSMTDTYLHETLVFDNKLSYIDNQRDTDGPAILLLPGWCHDHRVYKYLIQELDADFRVIVPNWRGHGLSP
SEVPDFGYQEQVKDALEILDQLGVETFLPVSHAHGGWVLVELLEQAGPERAPRGIIMDWLMWAPKPDFAKSLTLLKDPER
WREGTHGLFDVWLDGHDEKRVRHHLLEEMADYGYDCWGRSGRVIEDAYGRNGSPMQMMANLTKTRPIRHIFSQPTEPEYE
KINSDFAEQHPWFSYAKLGGPTHFPAIDVPDRAAVHIREFATAIRQGQ
;
_entity_poly.pdbx_strand_id   AAA,BBB,CCC,DDD
#
# COMPACT_ATOMS: atom_id res chain seq x y z
N ASP A 15 -20.05 -11.54 12.31
CA ASP A 15 -20.60 -12.24 11.10
C ASP A 15 -21.10 -13.63 11.52
N THR A 16 -21.96 -14.22 10.70
CA THR A 16 -22.56 -15.56 10.88
C THR A 16 -21.48 -16.66 10.88
N TYR A 17 -20.28 -16.39 10.35
CA TYR A 17 -19.24 -17.41 10.05
C TYR A 17 -18.04 -17.31 10.99
N LEU A 18 -18.08 -16.46 12.02
CA LEU A 18 -16.92 -16.18 12.89
C LEU A 18 -16.82 -17.23 14.00
N HIS A 19 -15.67 -17.90 14.12
CA HIS A 19 -15.38 -18.93 15.15
C HIS A 19 -14.19 -18.50 16.00
N GLU A 20 -13.99 -19.16 17.14
CA GLU A 20 -12.81 -19.02 18.02
C GLU A 20 -12.32 -20.42 18.39
N THR A 21 -11.01 -20.67 18.29
CA THR A 21 -10.35 -21.93 18.72
C THR A 21 -9.04 -21.61 19.45
N LEU A 22 -8.55 -22.56 20.23
CA LEU A 22 -7.22 -22.50 20.89
C LEU A 22 -6.17 -22.96 19.88
N VAL A 23 -5.19 -22.12 19.59
CA VAL A 23 -4.05 -22.41 18.67
C VAL A 23 -2.77 -22.31 19.52
N PHE A 24 -2.16 -23.46 19.82
CA PHE A 24 -1.02 -23.56 20.78
C PHE A 24 -1.46 -22.89 22.10
N ASP A 25 -0.97 -21.69 22.40
CA ASP A 25 -1.22 -21.00 23.69
C ASP A 25 -2.37 -19.97 23.58
N ASN A 26 -2.69 -19.52 22.36
CA ASN A 26 -3.53 -18.31 22.14
C ASN A 26 -4.89 -18.73 21.58
N LYS A 27 -5.94 -18.02 22.00
CA LYS A 27 -7.30 -18.15 21.46
C LYS A 27 -7.41 -17.19 20.27
N LEU A 28 -7.59 -17.72 19.07
CA LEU A 28 -7.67 -16.95 17.80
C LEU A 28 -9.09 -17.05 17.25
N SER A 29 -9.64 -15.94 16.77
CA SER A 29 -10.85 -15.92 15.92
C SER A 29 -10.46 -16.24 14.48
N TYR A 30 -11.42 -16.71 13.69
CA TYR A 30 -11.26 -17.03 12.26
C TYR A 30 -12.65 -17.12 11.62
N ILE A 31 -12.72 -16.75 10.35
CA ILE A 31 -13.91 -16.97 9.48
C ILE A 31 -13.80 -18.37 8.88
N ASP A 32 -14.92 -19.09 8.85
CA ASP A 32 -15.08 -20.38 8.12
C ASP A 32 -16.56 -20.51 7.73
N ASN A 33 -16.85 -20.46 6.43
CA ASN A 33 -18.24 -20.51 5.93
C ASN A 33 -18.68 -21.98 5.87
N GLN A 34 -17.76 -22.91 6.18
CA GLN A 34 -17.99 -24.38 6.23
C GLN A 34 -18.80 -24.81 5.01
N ARG A 35 -18.48 -24.26 3.83
CA ARG A 35 -19.15 -24.65 2.56
C ARG A 35 -18.65 -26.05 2.23
N ASP A 36 -19.57 -26.99 1.96
CA ASP A 36 -19.22 -28.37 1.52
C ASP A 36 -19.23 -28.39 -0.01
N THR A 37 -18.05 -28.43 -0.61
CA THR A 37 -17.85 -28.33 -2.08
C THR A 37 -16.45 -28.83 -2.44
N ASP A 38 -16.13 -28.84 -3.74
CA ASP A 38 -14.81 -29.25 -4.28
C ASP A 38 -13.72 -28.29 -3.77
N GLY A 39 -12.49 -28.78 -3.66
CA GLY A 39 -11.29 -27.96 -3.40
C GLY A 39 -10.98 -27.06 -4.60
N PRO A 40 -10.05 -26.10 -4.45
CA PRO A 40 -9.37 -25.86 -3.17
C PRO A 40 -10.17 -24.93 -2.25
N ALA A 41 -9.86 -24.97 -0.94
CA ALA A 41 -10.29 -23.92 0.03
C ALA A 41 -9.59 -22.61 -0.32
N ILE A 42 -10.28 -21.49 -0.15
CA ILE A 42 -9.69 -20.13 -0.31
C ILE A 42 -9.33 -19.62 1.09
N LEU A 43 -8.04 -19.44 1.32
CA LEU A 43 -7.48 -18.90 2.58
C LEU A 43 -7.14 -17.41 2.34
N LEU A 44 -7.95 -16.52 2.91
CA LEU A 44 -7.76 -15.05 2.84
C LEU A 44 -6.93 -14.63 4.06
N LEU A 45 -5.73 -14.10 3.82
CA LEU A 45 -4.79 -13.71 4.90
C LEU A 45 -4.83 -12.19 5.10
N PRO A 46 -5.30 -11.71 6.27
CA PRO A 46 -5.17 -10.29 6.60
C PRO A 46 -3.69 -9.90 6.77
N GLY A 47 -3.39 -8.62 6.60
CA GLY A 47 -2.10 -8.02 6.97
C GLY A 47 -2.06 -7.69 8.45
N TRP A 48 -1.21 -6.74 8.82
CA TRP A 48 -1.04 -6.28 10.22
C TRP A 48 -2.12 -5.27 10.63
N CYS A 49 -2.62 -5.43 11.84
CA CYS A 49 -3.41 -4.46 12.63
C CYS A 49 -4.76 -4.22 11.95
N HIS A 50 -5.27 -5.25 11.28
CA HIS A 50 -6.68 -5.41 10.89
C HIS A 50 -7.03 -6.91 10.86
N ASP A 51 -8.27 -7.22 10.53
CA ASP A 51 -8.87 -8.58 10.71
C ASP A 51 -9.78 -8.86 9.51
N HIS A 52 -10.51 -9.97 9.59
CA HIS A 52 -11.44 -10.54 8.59
C HIS A 52 -12.43 -9.50 8.05
N ARG A 53 -12.72 -8.40 8.78
CA ARG A 53 -13.67 -7.32 8.32
C ARG A 53 -13.19 -6.73 6.98
N VAL A 54 -11.89 -6.72 6.72
CA VAL A 54 -11.31 -6.21 5.45
C VAL A 54 -11.86 -7.04 4.28
N TYR A 55 -12.24 -8.31 4.53
CA TYR A 55 -12.62 -9.27 3.46
C TYR A 55 -14.14 -9.43 3.35
N LYS A 56 -14.95 -8.69 4.11
CA LYS A 56 -16.42 -8.96 4.18
C LYS A 56 -17.03 -8.90 2.77
N TYR A 57 -16.61 -8.00 1.89
CA TYR A 57 -17.18 -7.85 0.52
C TYR A 57 -16.66 -8.98 -0.38
N LEU A 58 -15.40 -9.36 -0.20
CA LEU A 58 -14.76 -10.40 -1.04
C LEU A 58 -15.40 -11.75 -0.70
N ILE A 59 -15.61 -12.02 0.60
CA ILE A 59 -16.25 -13.28 1.07
C ILE A 59 -17.63 -13.42 0.40
N GLN A 60 -18.41 -12.35 0.30
CA GLN A 60 -19.74 -12.34 -0.38
C GLN A 60 -19.61 -12.73 -1.85
N GLU A 61 -18.54 -12.35 -2.54
CA GLU A 61 -18.29 -12.71 -3.97
C GLU A 61 -18.04 -14.22 -4.08
N LEU A 62 -17.41 -14.83 -3.08
CA LEU A 62 -16.85 -16.20 -3.15
C LEU A 62 -17.73 -17.20 -2.38
N ASP A 63 -18.61 -16.71 -1.50
CA ASP A 63 -19.29 -17.50 -0.44
C ASP A 63 -19.95 -18.75 -1.02
N ALA A 64 -20.75 -18.57 -2.08
CA ALA A 64 -21.60 -19.61 -2.69
C ALA A 64 -20.77 -20.78 -3.23
N ASP A 65 -19.59 -20.52 -3.82
CA ASP A 65 -18.90 -21.48 -4.72
C ASP A 65 -17.67 -22.11 -4.07
N PHE A 66 -17.18 -21.57 -2.96
CA PHE A 66 -15.91 -22.01 -2.33
C PHE A 66 -16.07 -22.09 -0.82
N ARG A 67 -15.27 -22.96 -0.21
CA ARG A 67 -14.95 -22.86 1.23
C ARG A 67 -13.99 -21.70 1.44
N VAL A 68 -14.34 -20.77 2.33
CA VAL A 68 -13.55 -19.55 2.62
C VAL A 68 -13.16 -19.55 4.11
N ILE A 69 -11.86 -19.43 4.38
CA ILE A 69 -11.26 -19.39 5.74
C ILE A 69 -10.45 -18.10 5.87
N VAL A 70 -10.62 -17.36 6.96
CA VAL A 70 -9.85 -16.11 7.25
C VAL A 70 -9.35 -16.19 8.69
N PRO A 71 -8.07 -16.53 8.94
CA PRO A 71 -7.57 -16.55 10.31
C PRO A 71 -7.26 -15.12 10.77
N ASN A 72 -7.45 -14.84 12.06
CA ASN A 72 -6.97 -13.59 12.69
C ASN A 72 -5.72 -13.91 13.48
N TRP A 73 -4.76 -12.99 13.44
CA TRP A 73 -3.44 -13.17 14.08
C TRP A 73 -3.59 -12.99 15.59
N ARG A 74 -2.53 -13.29 16.32
CA ARG A 74 -2.49 -13.12 17.80
C ARG A 74 -2.72 -11.63 18.11
N GLY A 75 -3.64 -11.36 19.02
CA GLY A 75 -3.98 -9.98 19.46
C GLY A 75 -4.88 -9.27 18.46
N HIS A 76 -5.28 -9.94 17.37
CA HIS A 76 -6.13 -9.36 16.31
C HIS A 76 -7.56 -9.88 16.48
N GLY A 77 -8.53 -9.19 15.90
CA GLY A 77 -9.95 -9.58 15.92
C GLY A 77 -10.81 -8.44 16.42
N LEU A 78 -12.09 -8.71 16.63
CA LEU A 78 -13.12 -7.75 17.11
C LEU A 78 -12.72 -7.17 18.46
N SER A 79 -11.99 -7.94 19.26
CA SER A 79 -11.47 -7.54 20.59
C SER A 79 -9.95 -7.60 20.62
N PRO A 80 -9.23 -6.61 20.02
CA PRO A 80 -7.77 -6.63 20.01
C PRO A 80 -7.25 -6.75 21.45
N SER A 81 -6.10 -7.38 21.63
CA SER A 81 -5.45 -7.54 22.95
C SER A 81 -3.93 -7.51 22.81
N GLU A 82 -3.24 -7.12 23.88
CA GLU A 82 -1.77 -7.17 24.04
C GLU A 82 -1.37 -8.66 24.10
N VAL A 83 -0.37 -9.06 23.31
CA VAL A 83 0.19 -10.45 23.33
C VAL A 83 1.71 -10.36 23.30
N PRO A 84 2.45 -11.46 23.61
CA PRO A 84 3.91 -11.46 23.45
C PRO A 84 4.34 -11.31 21.98
N ASP A 85 5.53 -10.74 21.76
CA ASP A 85 6.10 -10.44 20.42
C ASP A 85 6.10 -11.70 19.55
N PHE A 86 5.73 -11.56 18.28
CA PHE A 86 5.70 -12.66 17.28
C PHE A 86 5.86 -12.05 15.88
N GLY A 87 6.32 -12.85 14.92
CA GLY A 87 6.62 -12.45 13.53
C GLY A 87 5.80 -13.24 12.53
N TYR A 88 6.17 -13.20 11.25
CA TYR A 88 5.42 -13.87 10.17
C TYR A 88 5.59 -15.40 10.25
N GLN A 89 6.69 -15.89 10.81
CA GLN A 89 6.90 -17.35 11.00
C GLN A 89 5.79 -17.93 11.89
N GLU A 90 5.42 -17.21 12.97
CA GLU A 90 4.34 -17.61 13.91
C GLU A 90 2.99 -17.50 13.20
N GLN A 91 2.76 -16.43 12.43
CA GLN A 91 1.55 -16.26 11.60
C GLN A 91 1.36 -17.54 10.75
N VAL A 92 2.42 -18.03 10.10
CA VAL A 92 2.39 -19.24 9.23
C VAL A 92 2.00 -20.47 10.05
N LYS A 93 2.61 -20.68 11.21
CA LYS A 93 2.32 -21.86 12.08
C LYS A 93 0.86 -21.77 12.56
N ASP A 94 0.43 -20.58 12.98
CA ASP A 94 -0.95 -20.32 13.46
C ASP A 94 -1.93 -20.71 12.35
N ALA A 95 -1.61 -20.35 11.09
CA ALA A 95 -2.47 -20.55 9.91
C ALA A 95 -2.60 -22.04 9.62
N LEU A 96 -1.48 -22.77 9.60
CA LEU A 96 -1.44 -24.23 9.28
C LEU A 96 -2.15 -25.03 10.37
N GLU A 97 -2.01 -24.61 11.63
CA GLU A 97 -2.62 -25.28 12.81
C GLU A 97 -4.14 -25.14 12.71
N ILE A 98 -4.63 -23.98 12.27
CA ILE A 98 -6.09 -23.74 12.03
C ILE A 98 -6.56 -24.60 10.87
N LEU A 99 -5.74 -24.77 9.82
CA LEU A 99 -6.11 -25.59 8.64
C LEU A 99 -6.15 -27.08 9.03
N ASP A 100 -5.22 -27.51 9.89
CA ASP A 100 -5.14 -28.91 10.39
C ASP A 100 -6.39 -29.20 11.21
N GLN A 101 -6.73 -28.33 12.18
CA GLN A 101 -7.95 -28.45 13.01
C GLN A 101 -9.19 -28.57 12.11
N LEU A 102 -9.23 -27.85 10.97
CA LEU A 102 -10.40 -27.77 10.06
C LEU A 102 -10.41 -28.93 9.05
N GLY A 103 -9.32 -29.70 8.98
CA GLY A 103 -9.16 -30.83 8.04
C GLY A 103 -9.01 -30.38 6.59
N VAL A 104 -8.44 -29.19 6.35
CA VAL A 104 -8.28 -28.64 4.97
C VAL A 104 -6.95 -29.17 4.41
N GLU A 105 -6.99 -29.84 3.26
CA GLU A 105 -5.75 -30.35 2.59
C GLU A 105 -5.25 -29.26 1.63
N THR A 106 -5.93 -29.10 0.49
CA THR A 106 -5.50 -28.20 -0.63
C THR A 106 -6.14 -26.82 -0.42
N PHE A 107 -5.35 -25.74 -0.52
CA PHE A 107 -5.86 -24.36 -0.38
C PHE A 107 -5.17 -23.43 -1.38
N LEU A 108 -5.90 -22.37 -1.76
CA LEU A 108 -5.39 -21.22 -2.55
C LEU A 108 -5.29 -20.04 -1.59
N PRO A 109 -4.08 -19.64 -1.16
CA PRO A 109 -3.90 -18.51 -0.27
C PRO A 109 -3.99 -17.20 -1.05
N VAL A 110 -4.60 -16.19 -0.44
CA VAL A 110 -4.75 -14.82 -0.99
C VAL A 110 -4.42 -13.85 0.15
N SER A 111 -3.45 -12.98 -0.05
CA SER A 111 -2.94 -12.05 0.99
C SER A 111 -3.26 -10.61 0.61
N HIS A 112 -3.32 -9.74 1.63
CA HIS A 112 -3.35 -8.27 1.45
C HIS A 112 -2.09 -7.69 2.07
N ALA A 113 -1.43 -6.77 1.35
CA ALA A 113 -0.22 -6.05 1.78
C ALA A 113 0.75 -7.03 2.46
N HIS A 114 1.14 -6.77 3.69
CA HIS A 114 2.23 -7.49 4.39
C HIS A 114 1.77 -8.81 5.01
N GLY A 115 0.52 -9.22 4.76
CA GLY A 115 0.10 -10.62 4.81
C GLY A 115 0.84 -11.48 3.79
N GLY A 116 1.49 -10.85 2.80
CA GLY A 116 2.23 -11.54 1.72
C GLY A 116 3.42 -12.32 2.26
N TRP A 117 4.09 -11.78 3.29
CA TRP A 117 5.22 -12.43 4.00
C TRP A 117 4.74 -13.77 4.56
N VAL A 118 3.53 -13.79 5.13
CA VAL A 118 2.83 -15.02 5.64
C VAL A 118 2.56 -15.94 4.44
N LEU A 119 2.02 -15.42 3.34
CA LEU A 119 1.64 -16.23 2.15
C LEU A 119 2.87 -16.93 1.56
N VAL A 120 3.97 -16.21 1.34
CA VAL A 120 5.17 -16.76 0.63
C VAL A 120 5.82 -17.80 1.54
N GLU A 121 5.90 -17.55 2.84
CA GLU A 121 6.47 -18.51 3.80
C GLU A 121 5.54 -19.73 3.88
N LEU A 122 4.22 -19.51 3.85
CA LEU A 122 3.19 -20.57 3.84
C LEU A 122 3.38 -21.46 2.60
N LEU A 123 3.64 -20.88 1.43
CA LEU A 123 3.87 -21.66 0.18
C LEU A 123 5.09 -22.56 0.38
N GLU A 124 6.16 -22.02 0.95
CA GLU A 124 7.42 -22.76 1.24
C GLU A 124 7.08 -23.94 2.16
N GLN A 125 6.48 -23.68 3.33
CA GLN A 125 6.26 -24.71 4.38
C GLN A 125 5.22 -25.73 3.92
N ALA A 126 4.11 -25.29 3.32
CA ALA A 126 3.00 -26.18 2.88
C ALA A 126 3.41 -26.95 1.62
N GLY A 127 4.28 -26.39 0.78
CA GLY A 127 4.74 -27.04 -0.46
C GLY A 127 3.67 -27.05 -1.54
N PRO A 128 4.05 -27.39 -2.80
CA PRO A 128 3.20 -27.11 -3.96
C PRO A 128 2.02 -28.07 -4.19
N GLU A 129 1.93 -29.17 -3.45
CA GLU A 129 0.79 -30.12 -3.52
C GLU A 129 -0.39 -29.55 -2.73
N ARG A 130 -0.14 -29.06 -1.51
CA ARG A 130 -1.17 -28.43 -0.64
C ARG A 130 -1.50 -27.01 -1.13
N ALA A 131 -0.51 -26.27 -1.63
CA ALA A 131 -0.59 -24.82 -1.96
C ALA A 131 0.00 -24.60 -3.34
N PRO A 132 -0.71 -25.02 -4.40
CA PRO A 132 -0.16 -25.04 -5.76
C PRO A 132 -0.01 -23.65 -6.40
N ARG A 133 -0.73 -22.65 -5.90
CA ARG A 133 -0.71 -21.25 -6.42
C ARG A 133 -0.92 -20.26 -5.28
N GLY A 134 -0.69 -18.98 -5.53
CA GLY A 134 -1.02 -17.91 -4.57
C GLY A 134 -1.36 -16.62 -5.29
N ILE A 135 -2.19 -15.79 -4.66
CA ILE A 135 -2.51 -14.42 -5.13
C ILE A 135 -2.08 -13.47 -4.01
N ILE A 136 -1.26 -12.48 -4.37
CA ILE A 136 -0.86 -11.37 -3.45
C ILE A 136 -1.55 -10.09 -3.94
N MET A 137 -2.22 -9.40 -3.03
CA MET A 137 -2.89 -8.12 -3.34
C MET A 137 -2.12 -6.97 -2.72
N ASP A 138 -1.89 -5.93 -3.51
CA ASP A 138 -1.39 -4.58 -3.13
C ASP A 138 -0.26 -4.70 -2.08
N TRP A 139 0.87 -5.25 -2.50
CA TRP A 139 2.06 -5.54 -1.65
C TRP A 139 3.28 -4.87 -2.27
N LEU A 140 3.91 -3.94 -1.53
CA LEU A 140 5.07 -3.15 -1.99
C LEU A 140 6.22 -4.10 -2.37
N MET A 141 6.40 -4.29 -3.68
CA MET A 141 7.31 -5.29 -4.31
C MET A 141 8.78 -4.87 -4.19
N TRP A 142 9.05 -3.56 -4.11
CA TRP A 142 10.43 -3.01 -3.99
C TRP A 142 10.74 -2.81 -2.51
N ALA A 143 12.04 -2.70 -2.18
CA ALA A 143 12.52 -2.34 -0.84
C ALA A 143 12.02 -0.94 -0.48
N PRO A 144 11.81 -0.63 0.81
CA PRO A 144 11.15 0.63 1.19
C PRO A 144 11.81 1.86 0.58
N LYS A 145 11.05 2.66 -0.17
CA LYS A 145 11.42 4.04 -0.56
C LYS A 145 11.34 4.93 0.68
N PRO A 146 11.96 6.12 0.68
CA PRO A 146 12.00 6.97 1.87
C PRO A 146 10.68 7.17 2.62
N ASP A 147 9.59 7.54 1.94
CA ASP A 147 8.30 7.89 2.61
C ASP A 147 7.79 6.68 3.41
N PHE A 148 7.80 5.47 2.82
CA PHE A 148 7.35 4.23 3.51
C PHE A 148 8.31 3.86 4.65
N ALA A 149 9.62 3.97 4.42
CA ALA A 149 10.67 3.74 5.45
C ALA A 149 10.42 4.68 6.63
N LYS A 150 10.11 5.94 6.34
CA LYS A 150 9.76 6.97 7.35
C LYS A 150 8.50 6.53 8.13
N SER A 151 7.45 6.12 7.42
CA SER A 151 6.20 5.59 8.03
C SER A 151 6.52 4.47 9.04
N LEU A 152 7.36 3.51 8.66
CA LEU A 152 7.70 2.36 9.54
C LEU A 152 8.39 2.89 10.80
N THR A 153 9.32 3.85 10.66
CA THR A 153 10.07 4.48 11.77
C THR A 153 9.08 5.05 12.79
N LEU A 154 8.04 5.74 12.32
CA LEU A 154 7.02 6.41 13.19
C LEU A 154 6.16 5.36 13.91
N LEU A 155 5.79 4.27 13.25
CA LEU A 155 4.96 3.18 13.81
C LEU A 155 5.68 2.59 15.03
N LYS A 156 7.00 2.43 14.95
CA LYS A 156 7.85 1.83 16.03
C LYS A 156 8.08 2.83 17.16
N ASP A 157 7.76 4.11 16.95
CA ASP A 157 7.94 5.20 17.95
C ASP A 157 6.74 5.24 18.89
N PRO A 158 6.93 4.98 20.20
CA PRO A 158 5.82 5.00 21.15
C PRO A 158 5.18 6.39 21.27
N GLU A 159 5.89 7.45 20.86
CA GLU A 159 5.40 8.86 20.90
C GLU A 159 4.67 9.24 19.60
N ARG A 160 4.91 8.55 18.49
CA ARG A 160 4.54 9.07 17.14
C ARG A 160 3.82 8.00 16.31
N TRP A 161 3.36 6.91 16.92
CA TRP A 161 2.78 5.75 16.17
C TRP A 161 1.50 6.18 15.46
N ARG A 162 0.63 6.96 16.11
CA ARG A 162 -0.67 7.38 15.53
C ARG A 162 -0.41 8.35 14.38
N GLU A 163 0.58 9.23 14.52
CA GLU A 163 1.13 10.07 13.42
C GLU A 163 1.54 9.14 12.25
N GLY A 164 2.21 8.04 12.55
CA GLY A 164 2.57 7.01 11.56
C GLY A 164 1.35 6.48 10.82
N THR A 165 0.33 6.05 11.55
CA THR A 165 -0.91 5.46 10.98
C THR A 165 -1.61 6.51 10.13
N HIS A 166 -1.64 7.78 10.55
CA HIS A 166 -2.35 8.87 9.82
C HIS A 166 -1.69 9.10 8.46
N GLY A 167 -0.34 9.13 8.40
CA GLY A 167 0.43 9.26 7.16
C GLY A 167 0.18 8.08 6.22
N LEU A 168 0.06 6.86 6.74
CA LEU A 168 -0.24 5.67 5.91
C LEU A 168 -1.67 5.76 5.37
N PHE A 169 -2.66 6.10 6.20
CA PHE A 169 -4.08 6.27 5.78
C PHE A 169 -4.13 7.26 4.62
N ASP A 170 -3.40 8.39 4.69
CA ASP A 170 -3.28 9.39 3.59
C ASP A 170 -2.80 8.72 2.28
N VAL A 171 -1.75 7.92 2.36
CA VAL A 171 -1.15 7.22 1.17
C VAL A 171 -2.17 6.21 0.64
N TRP A 172 -2.85 5.49 1.54
CA TRP A 172 -3.76 4.38 1.17
C TRP A 172 -5.03 4.91 0.49
N LEU A 173 -5.57 6.06 0.94
CA LEU A 173 -6.81 6.63 0.37
C LEU A 173 -6.49 7.37 -0.93
N ASP A 174 -5.25 7.86 -1.08
CA ASP A 174 -4.70 8.47 -2.33
C ASP A 174 -5.60 9.61 -2.82
N GLY A 175 -6.14 10.43 -1.90
CA GLY A 175 -6.94 11.62 -2.24
C GLY A 175 -8.38 11.29 -2.54
N HIS A 176 -8.82 10.06 -2.27
CA HIS A 176 -10.20 9.57 -2.54
C HIS A 176 -11.06 9.67 -1.28
N ASP A 177 -12.28 10.16 -1.43
CA ASP A 177 -13.37 10.08 -0.42
C ASP A 177 -14.08 8.74 -0.60
N GLU A 178 -13.36 7.64 -0.32
CA GLU A 178 -13.83 6.26 -0.57
C GLU A 178 -14.44 5.74 0.74
N LYS A 179 -15.77 5.81 0.83
CA LYS A 179 -16.58 5.66 2.06
C LYS A 179 -16.21 4.35 2.76
N ARG A 180 -16.23 3.23 2.04
CA ARG A 180 -16.01 1.87 2.60
C ARG A 180 -14.58 1.72 3.15
N VAL A 181 -13.59 2.32 2.48
CA VAL A 181 -12.16 2.16 2.88
C VAL A 181 -11.94 3.05 4.12
N ARG A 182 -12.49 4.26 4.12
CA ARG A 182 -12.44 5.18 5.29
C ARG A 182 -13.03 4.50 6.52
N HIS A 183 -14.15 3.77 6.35
CA HIS A 183 -14.86 3.03 7.45
C HIS A 183 -13.93 1.97 8.02
N HIS A 184 -13.24 1.23 7.14
CA HIS A 184 -12.24 0.20 7.53
C HIS A 184 -11.11 0.81 8.35
N LEU A 185 -10.51 1.91 7.87
CA LEU A 185 -9.32 2.55 8.48
C LEU A 185 -9.69 3.23 9.80
N LEU A 186 -10.84 3.90 9.88
CA LEU A 186 -11.16 4.81 11.00
C LEU A 186 -12.10 4.14 12.01
N GLU A 187 -12.80 3.07 11.63
CA GLU A 187 -13.72 2.34 12.56
C GLU A 187 -13.21 0.92 12.82
N GLU A 188 -12.91 0.16 11.77
CA GLU A 188 -12.59 -1.29 11.91
C GLU A 188 -11.16 -1.46 12.42
N MET A 189 -10.32 -0.42 12.32
N MET A 189 -10.32 -0.41 12.33
CA MET A 189 -8.92 -0.49 12.80
CA MET A 189 -8.91 -0.48 12.80
C MET A 189 -8.70 0.43 14.02
C MET A 189 -8.69 0.43 14.01
N ALA A 190 -9.74 1.11 14.50
CA ALA A 190 -9.64 2.10 15.59
C ALA A 190 -9.17 1.45 16.90
N ASP A 191 -9.46 0.17 17.12
CA ASP A 191 -9.24 -0.53 18.41
C ASP A 191 -7.81 -1.07 18.51
N TYR A 192 -7.04 -1.01 17.43
CA TYR A 192 -5.62 -1.47 17.41
C TYR A 192 -4.75 -0.35 18.02
N GLY A 193 -3.79 -0.72 18.86
CA GLY A 193 -2.92 0.19 19.64
C GLY A 193 -1.47 0.07 19.24
N TYR A 194 -0.58 0.77 19.96
CA TYR A 194 0.89 0.74 19.76
C TYR A 194 1.42 -0.70 19.82
N ASP A 195 0.83 -1.56 20.65
CA ASP A 195 1.24 -2.98 20.76
C ASP A 195 1.22 -3.62 19.37
N CYS A 196 0.16 -3.42 18.58
CA CYS A 196 0.05 -4.01 17.21
C CYS A 196 0.92 -3.21 16.23
N TRP A 197 0.72 -1.90 16.15
CA TRP A 197 1.30 -1.03 15.09
C TRP A 197 2.82 -1.00 15.25
N GLY A 198 3.30 -0.90 16.50
CA GLY A 198 4.73 -0.98 16.82
C GLY A 198 5.32 -2.29 16.31
N ARG A 199 4.67 -3.42 16.61
CA ARG A 199 5.06 -4.78 16.15
C ARG A 199 5.10 -4.84 14.62
N SER A 200 4.07 -4.31 13.95
CA SER A 200 3.96 -4.30 12.47
C SER A 200 5.16 -3.58 11.86
N GLY A 201 5.54 -2.43 12.40
CA GLY A 201 6.74 -1.68 12.00
C GLY A 201 7.98 -2.53 12.12
N ARG A 202 8.16 -3.17 13.27
CA ARG A 202 9.34 -4.02 13.61
C ARG A 202 9.41 -5.21 12.65
N VAL A 203 8.32 -5.96 12.51
CA VAL A 203 8.25 -7.22 11.68
C VAL A 203 8.47 -6.88 10.20
N ILE A 204 7.80 -5.86 9.66
CA ILE A 204 7.89 -5.52 8.20
C ILE A 204 9.32 -5.01 7.92
N GLU A 205 9.85 -4.11 8.73
CA GLU A 205 11.23 -3.59 8.57
C GLU A 205 12.21 -4.77 8.55
N ASP A 206 12.05 -5.72 9.48
CA ASP A 206 12.93 -6.90 9.60
C ASP A 206 12.73 -7.84 8.40
N ALA A 207 11.51 -7.94 7.86
CA ALA A 207 11.16 -8.81 6.72
C ALA A 207 11.93 -8.37 5.48
N TYR A 208 11.87 -7.08 5.13
CA TYR A 208 12.64 -6.47 4.01
C TYR A 208 14.14 -6.63 4.29
N GLY A 209 14.59 -6.32 5.51
CA GLY A 209 16.01 -6.41 5.92
C GLY A 209 16.55 -7.83 5.73
N ARG A 210 15.77 -8.83 6.16
CA ARG A 210 16.17 -10.26 6.16
C ARG A 210 16.01 -10.86 4.75
N ASN A 211 14.91 -10.60 4.06
CA ASN A 211 14.54 -11.25 2.77
C ASN A 211 14.85 -10.34 1.57
N GLY A 212 15.21 -9.08 1.83
CA GLY A 212 15.54 -8.09 0.79
C GLY A 212 14.30 -7.44 0.21
N SER A 213 13.37 -8.23 -0.35
CA SER A 213 12.11 -7.75 -0.97
C SER A 213 11.15 -8.91 -1.18
N PRO A 214 9.83 -8.68 -1.28
CA PRO A 214 8.90 -9.72 -1.69
C PRO A 214 9.32 -10.44 -2.98
N MET A 215 9.89 -9.70 -3.94
CA MET A 215 10.35 -10.28 -5.22
C MET A 215 11.54 -11.22 -4.97
N GLN A 216 12.51 -10.82 -4.14
CA GLN A 216 13.65 -11.71 -3.76
C GLN A 216 13.12 -12.98 -3.09
N MET A 217 12.22 -12.83 -2.13
CA MET A 217 11.67 -13.96 -1.33
C MET A 217 10.91 -14.94 -2.24
N MET A 218 10.17 -14.45 -3.23
CA MET A 218 9.38 -15.34 -4.14
C MET A 218 10.33 -16.08 -5.09
N ALA A 219 11.29 -15.37 -5.68
CA ALA A 219 12.36 -15.94 -6.53
C ALA A 219 13.11 -17.02 -5.75
N ASN A 220 13.20 -16.90 -4.41
CA ASN A 220 14.02 -17.80 -3.56
C ASN A 220 13.27 -19.07 -3.14
N LEU A 221 11.99 -19.23 -3.49
CA LEU A 221 11.17 -20.42 -3.13
C LEU A 221 11.86 -21.69 -3.65
N THR A 222 11.90 -22.75 -2.83
CA THR A 222 12.45 -24.09 -3.22
C THR A 222 11.68 -24.57 -4.46
N LYS A 223 10.35 -24.49 -4.40
CA LYS A 223 9.42 -24.88 -5.49
C LYS A 223 8.65 -23.65 -5.96
N THR A 224 9.09 -23.00 -7.05
CA THR A 224 8.36 -21.84 -7.63
C THR A 224 7.06 -22.36 -8.26
N ARG A 225 6.00 -21.56 -8.15
CA ARG A 225 4.62 -21.89 -8.58
C ARG A 225 3.97 -20.64 -9.14
N PRO A 226 2.83 -20.77 -9.86
CA PRO A 226 2.05 -19.60 -10.29
C PRO A 226 1.65 -18.65 -9.14
N ILE A 227 2.11 -17.40 -9.23
CA ILE A 227 1.77 -16.29 -8.29
C ILE A 227 1.38 -15.07 -9.13
N ARG A 228 0.20 -14.51 -8.86
CA ARG A 228 -0.22 -13.23 -9.48
C ARG A 228 -0.25 -12.14 -8.41
N HIS A 229 0.33 -10.99 -8.73
CA HIS A 229 0.22 -9.74 -7.93
C HIS A 229 -0.90 -8.90 -8.55
N ILE A 230 -2.01 -8.73 -7.84
CA ILE A 230 -3.10 -7.81 -8.28
C ILE A 230 -3.06 -6.58 -7.36
N PHE A 231 -3.01 -5.37 -7.93
CA PHE A 231 -2.75 -4.12 -7.15
C PHE A 231 -3.38 -2.92 -7.85
N SER A 232 -3.70 -1.91 -7.03
CA SER A 232 -4.21 -0.58 -7.47
C SER A 232 -3.13 0.49 -7.27
N GLN A 233 -2.24 0.31 -6.28
N GLN A 233 -2.24 0.32 -6.28
CA GLN A 233 -1.18 1.30 -5.98
CA GLN A 233 -1.18 1.31 -5.98
C GLN A 233 0.11 0.57 -5.60
C GLN A 233 0.11 0.58 -5.60
N PRO A 234 1.31 1.22 -5.69
CA PRO A 234 1.44 2.57 -6.28
C PRO A 234 0.99 2.68 -7.75
N THR A 235 0.54 3.86 -8.17
CA THR A 235 -0.08 4.12 -9.50
C THR A 235 0.96 4.52 -10.55
N GLU A 236 2.19 4.86 -10.15
CA GLU A 236 3.24 5.40 -11.07
C GLU A 236 3.72 4.33 -12.04
N PRO A 237 4.10 4.71 -13.28
CA PRO A 237 4.62 3.76 -14.27
C PRO A 237 5.88 2.99 -13.84
N GLU A 238 6.74 3.61 -13.02
CA GLU A 238 7.98 2.98 -12.49
C GLU A 238 7.61 1.69 -11.74
N TYR A 239 6.53 1.69 -10.96
CA TYR A 239 6.09 0.52 -10.18
C TYR A 239 5.55 -0.56 -11.11
N GLU A 240 4.72 -0.19 -12.08
CA GLU A 240 4.23 -1.17 -13.10
C GLU A 240 5.45 -1.80 -13.79
N LYS A 241 6.48 -1.00 -14.07
CA LYS A 241 7.68 -1.47 -14.80
C LYS A 241 8.41 -2.57 -14.01
N ILE A 242 8.58 -2.45 -12.69
CA ILE A 242 9.27 -3.50 -11.89
C ILE A 242 8.42 -4.77 -11.91
N ASN A 243 7.09 -4.65 -11.93
CA ASN A 243 6.17 -5.82 -12.06
C ASN A 243 6.34 -6.45 -13.45
N SER A 244 6.36 -5.65 -14.53
CA SER A 244 6.54 -6.14 -15.92
C SER A 244 7.92 -6.82 -16.08
N ASP A 245 8.98 -6.24 -15.50
CA ASP A 245 10.36 -6.77 -15.61
C ASP A 245 10.47 -8.10 -14.85
N PHE A 246 9.79 -8.23 -13.71
CA PHE A 246 9.80 -9.46 -12.89
C PHE A 246 9.06 -10.57 -13.63
N ALA A 247 7.90 -10.25 -14.22
CA ALA A 247 7.01 -11.19 -14.94
C ALA A 247 7.69 -11.71 -16.20
N GLU A 248 8.48 -10.84 -16.85
CA GLU A 248 9.23 -11.14 -18.09
C GLU A 248 10.36 -12.15 -17.77
N GLN A 249 10.93 -12.08 -16.57
CA GLN A 249 12.07 -12.92 -16.16
C GLN A 249 11.59 -14.24 -15.53
N HIS A 250 10.39 -14.25 -14.93
CA HIS A 250 9.86 -15.41 -14.16
C HIS A 250 8.55 -15.89 -14.78
N PRO A 251 8.55 -17.06 -15.47
CA PRO A 251 7.37 -17.50 -16.21
C PRO A 251 6.17 -17.71 -15.27
N TRP A 252 6.45 -18.04 -14.00
CA TRP A 252 5.43 -18.36 -12.97
C TRP A 252 4.76 -17.09 -12.42
N PHE A 253 5.38 -15.92 -12.61
CA PHE A 253 4.87 -14.63 -12.04
C PHE A 253 4.01 -13.91 -13.07
N SER A 254 2.84 -13.43 -12.65
CA SER A 254 1.98 -12.52 -13.43
C SER A 254 1.51 -11.38 -12.53
N TYR A 255 0.90 -10.37 -13.12
CA TYR A 255 0.33 -9.25 -12.36
C TYR A 255 -0.85 -8.69 -13.14
N ALA A 256 -1.73 -7.99 -12.44
CA ALA A 256 -2.80 -7.19 -13.05
C ALA A 256 -2.96 -5.90 -12.23
N LYS A 257 -2.93 -4.77 -12.91
CA LYS A 257 -3.27 -3.46 -12.31
C LYS A 257 -4.80 -3.33 -12.34
N LEU A 258 -5.42 -3.24 -11.18
CA LEU A 258 -6.90 -3.30 -11.05
C LEU A 258 -7.50 -1.91 -11.22
N GLY A 259 -6.72 -0.84 -11.11
CA GLY A 259 -7.23 0.53 -11.32
C GLY A 259 -8.29 0.92 -10.29
N GLY A 260 -8.27 0.31 -9.10
CA GLY A 260 -9.12 0.73 -7.97
C GLY A 260 -8.57 2.01 -7.35
N PRO A 261 -9.35 2.78 -6.56
CA PRO A 261 -8.83 4.02 -5.97
C PRO A 261 -7.81 3.88 -4.83
N THR A 262 -7.88 2.83 -4.02
CA THR A 262 -7.13 2.75 -2.74
C THR A 262 -6.20 1.53 -2.68
N HIS A 263 -5.40 1.48 -1.60
CA HIS A 263 -4.55 0.33 -1.20
C HIS A 263 -5.39 -0.94 -0.90
N PHE A 264 -6.73 -0.88 -0.90
CA PHE A 264 -7.61 -1.97 -0.40
C PHE A 264 -8.54 -2.51 -1.51
N PRO A 265 -8.01 -3.18 -2.56
CA PRO A 265 -8.86 -3.70 -3.63
C PRO A 265 -9.93 -4.70 -3.18
N ALA A 266 -9.68 -5.47 -2.11
CA ALA A 266 -10.67 -6.41 -1.52
C ALA A 266 -11.92 -5.62 -1.12
N ILE A 267 -11.76 -4.35 -0.73
CA ILE A 267 -12.89 -3.46 -0.32
C ILE A 267 -13.46 -2.73 -1.55
N ASP A 268 -12.62 -2.08 -2.34
CA ASP A 268 -13.11 -1.07 -3.33
C ASP A 268 -13.32 -1.71 -4.69
N VAL A 269 -12.74 -2.87 -5.00
CA VAL A 269 -13.02 -3.60 -6.28
C VAL A 269 -13.13 -5.09 -5.99
N PRO A 270 -14.06 -5.52 -5.10
CA PRO A 270 -14.12 -6.92 -4.67
C PRO A 270 -14.45 -7.88 -5.82
N ASP A 271 -15.30 -7.44 -6.76
CA ASP A 271 -15.67 -8.18 -7.99
C ASP A 271 -14.40 -8.46 -8.81
N ARG A 272 -13.50 -7.49 -8.93
CA ARG A 272 -12.29 -7.61 -9.76
C ARG A 272 -11.31 -8.58 -9.09
N ALA A 273 -11.09 -8.43 -7.78
CA ALA A 273 -10.26 -9.36 -7.00
C ALA A 273 -10.80 -10.78 -7.21
N ALA A 274 -12.12 -10.96 -7.06
CA ALA A 274 -12.80 -12.27 -7.08
C ALA A 274 -12.53 -12.98 -8.41
N VAL A 275 -12.56 -12.26 -9.53
CA VAL A 275 -12.43 -12.92 -10.87
C VAL A 275 -11.00 -13.46 -11.03
N HIS A 276 -9.98 -12.78 -10.49
CA HIS A 276 -8.58 -13.28 -10.49
C HIS A 276 -8.47 -14.53 -9.62
N ILE A 277 -9.12 -14.54 -8.46
CA ILE A 277 -9.13 -15.68 -7.49
C ILE A 277 -9.86 -16.86 -8.16
N ARG A 278 -10.99 -16.62 -8.83
CA ARG A 278 -11.76 -17.68 -9.56
C ARG A 278 -10.90 -18.30 -10.66
N GLU A 279 -10.16 -17.47 -11.41
CA GLU A 279 -9.27 -17.95 -12.51
C GLU A 279 -8.25 -18.95 -11.93
N PHE A 280 -7.63 -18.61 -10.80
CA PHE A 280 -6.59 -19.45 -10.17
C PHE A 280 -7.22 -20.72 -9.58
N ALA A 281 -8.41 -20.63 -8.97
CA ALA A 281 -9.15 -21.78 -8.41
C ALA A 281 -9.55 -22.75 -9.54
N THR A 282 -9.99 -22.22 -10.70
CA THR A 282 -10.37 -23.02 -11.90
C THR A 282 -9.14 -23.75 -12.45
N ALA A 283 -8.00 -23.07 -12.53
CA ALA A 283 -6.72 -23.63 -13.02
C ALA A 283 -6.28 -24.79 -12.12
N ILE A 284 -6.41 -24.66 -10.79
CA ILE A 284 -6.08 -25.74 -9.81
C ILE A 284 -7.01 -26.94 -10.06
N ARG A 285 -8.32 -26.72 -10.20
CA ARG A 285 -9.35 -27.79 -10.38
C ARG A 285 -9.08 -28.60 -11.67
N GLN A 286 -8.60 -27.95 -12.73
CA GLN A 286 -8.18 -28.63 -13.99
C GLN A 286 -6.77 -29.20 -13.81
N GLY A 287 -6.66 -30.35 -13.12
CA GLY A 287 -5.40 -31.08 -12.88
C GLY A 287 -4.86 -30.82 -11.49
N ASP B 15 41.14 -6.48 21.72
CA ASP B 15 41.38 -7.84 22.28
C ASP B 15 41.52 -8.83 21.11
N THR B 16 42.14 -9.97 21.37
CA THR B 16 42.38 -11.09 20.42
C THR B 16 41.05 -11.66 19.88
N TYR B 17 39.92 -11.43 20.57
CA TYR B 17 38.64 -12.13 20.32
C TYR B 17 37.59 -11.22 19.67
N LEU B 18 37.93 -9.98 19.32
CA LEU B 18 36.96 -8.97 18.82
C LEU B 18 36.75 -9.16 17.31
N HIS B 19 35.50 -9.34 16.87
CA HIS B 19 35.10 -9.49 15.44
C HIS B 19 34.13 -8.39 15.05
N GLU B 20 33.92 -8.20 13.74
CA GLU B 20 32.87 -7.31 13.17
C GLU B 20 32.16 -8.10 12.07
N THR B 21 30.82 -8.05 12.06
CA THR B 21 29.95 -8.65 11.02
C THR B 21 28.82 -7.68 10.67
N LEU B 22 28.22 -7.87 9.50
CA LEU B 22 26.99 -7.15 9.06
C LEU B 22 25.79 -7.88 9.68
N VAL B 23 24.98 -7.15 10.44
CA VAL B 23 23.72 -7.65 11.07
C VAL B 23 22.58 -6.81 10.49
N PHE B 24 21.80 -7.42 9.59
CA PHE B 24 20.75 -6.72 8.81
C PHE B 24 21.43 -5.52 8.12
N ASP B 25 21.21 -4.30 8.61
CA ASP B 25 21.67 -3.04 7.94
C ASP B 25 22.99 -2.54 8.56
N ASN B 26 23.30 -2.93 9.81
CA ASN B 26 24.37 -2.32 10.62
C ASN B 26 25.56 -3.27 10.75
N LYS B 27 26.77 -2.69 10.78
CA LYS B 27 28.02 -3.42 11.12
C LYS B 27 28.18 -3.35 12.64
N LEU B 28 28.13 -4.50 13.29
CA LEU B 28 28.27 -4.63 14.76
C LEU B 28 29.58 -5.35 15.08
N SER B 29 30.30 -4.87 16.09
CA SER B 29 31.42 -5.61 16.73
C SER B 29 30.82 -6.59 17.73
N TYR B 30 31.57 -7.65 18.06
CA TYR B 30 31.20 -8.68 19.05
C TYR B 30 32.46 -9.42 19.46
N ILE B 31 32.50 -9.87 20.72
CA ILE B 31 33.51 -10.82 21.25
C ILE B 31 33.02 -12.23 20.94
N ASP B 32 33.94 -13.10 20.50
CA ASP B 32 33.74 -14.55 20.36
C ASP B 32 35.10 -15.21 20.55
N ASN B 33 35.27 -15.97 21.63
CA ASN B 33 36.56 -16.63 21.96
C ASN B 33 36.67 -17.92 21.14
N GLN B 34 35.62 -18.27 20.39
CA GLN B 34 35.54 -19.45 19.49
C GLN B 34 36.08 -20.68 20.21
N ARG B 35 35.78 -20.84 21.50
CA ARG B 35 36.22 -22.02 22.28
C ARG B 35 35.42 -23.22 21.76
N ASP B 36 36.12 -24.31 21.42
CA ASP B 36 35.49 -25.60 21.04
C ASP B 36 35.33 -26.43 22.32
N THR B 37 34.09 -26.56 22.80
CA THR B 37 33.74 -27.26 24.06
C THR B 37 32.23 -27.53 24.07
N ASP B 38 31.75 -28.20 25.12
CA ASP B 38 30.31 -28.51 25.34
C ASP B 38 29.52 -27.21 25.51
N GLY B 39 28.22 -27.25 25.18
CA GLY B 39 27.27 -26.17 25.48
C GLY B 39 27.00 -26.10 26.97
N PRO B 40 26.30 -25.04 27.45
CA PRO B 40 25.84 -23.95 26.60
C PRO B 40 26.91 -22.88 26.37
N ALA B 41 26.76 -22.09 25.30
CA ALA B 41 27.51 -20.82 25.10
C ALA B 41 27.06 -19.83 26.17
N ILE B 42 28.00 -19.01 26.66
CA ILE B 42 27.69 -17.89 27.58
C ILE B 42 27.61 -16.62 26.75
N LEU B 43 26.42 -16.03 26.70
CA LEU B 43 26.13 -14.74 26.03
C LEU B 43 26.10 -13.64 27.10
N LEU B 44 27.14 -12.82 27.13
CA LEU B 44 27.25 -11.64 28.03
C LEU B 44 26.66 -10.43 27.31
N LEU B 45 25.58 -9.86 27.87
CA LEU B 45 24.83 -8.74 27.26
C LEU B 45 25.22 -7.44 27.96
N PRO B 46 25.91 -6.50 27.27
CA PRO B 46 26.09 -5.16 27.79
C PRO B 46 24.75 -4.41 27.94
N GLY B 47 24.73 -3.41 28.82
CA GLY B 47 23.64 -2.43 28.92
C GLY B 47 23.79 -1.33 27.88
N TRP B 48 23.20 -0.17 28.15
CA TRP B 48 23.26 1.02 27.26
C TRP B 48 24.55 1.81 27.46
N CYS B 49 25.13 2.25 26.34
CA CYS B 49 26.21 3.28 26.22
C CYS B 49 27.49 2.76 26.87
N HIS B 50 27.69 1.44 26.81
CA HIS B 50 29.00 0.77 26.97
C HIS B 50 29.03 -0.50 26.13
N ASP B 51 30.14 -1.22 26.17
CA ASP B 51 30.49 -2.32 25.24
C ASP B 51 31.21 -3.40 26.03
N HIS B 52 31.70 -4.42 25.30
CA HIS B 52 32.35 -5.66 25.78
C HIS B 52 33.48 -5.37 26.79
N ARG B 53 34.08 -4.16 26.80
CA ARG B 53 35.17 -3.80 27.76
C ARG B 53 34.69 -3.96 29.20
N VAL B 54 33.39 -3.79 29.46
CA VAL B 54 32.80 -3.98 30.82
C VAL B 54 33.04 -5.42 31.27
N TYR B 55 33.17 -6.38 30.33
CA TYR B 55 33.24 -7.82 30.63
C TYR B 55 34.68 -8.36 30.56
N LYS B 56 35.70 -7.52 30.37
CA LYS B 56 37.07 -8.02 30.09
C LYS B 56 37.55 -8.93 31.23
N TYR B 57 37.21 -8.62 32.50
CA TYR B 57 37.64 -9.43 33.67
C TYR B 57 36.80 -10.70 33.76
N LEU B 58 35.51 -10.60 33.42
CA LEU B 58 34.59 -11.76 33.51
C LEU B 58 34.99 -12.78 32.44
N ILE B 59 35.28 -12.31 31.21
CA ILE B 59 35.70 -13.20 30.09
C ILE B 59 36.94 -14.01 30.52
N GLN B 60 37.90 -13.39 31.20
CA GLN B 60 39.12 -14.05 31.74
C GLN B 60 38.75 -15.18 32.71
N GLU B 61 37.70 -15.01 33.52
CA GLU B 61 37.25 -16.05 34.50
C GLU B 61 36.69 -17.25 33.74
N LEU B 62 36.04 -17.02 32.58
CA LEU B 62 35.22 -18.04 31.88
C LEU B 62 35.95 -18.60 30.66
N ASP B 63 37.01 -17.92 30.18
CA ASP B 63 37.60 -18.12 28.84
C ASP B 63 37.92 -19.60 28.57
N ALA B 64 38.61 -20.24 29.51
CA ALA B 64 39.14 -21.62 29.38
C ALA B 64 38.02 -22.65 29.18
N ASP B 65 36.87 -22.48 29.85
CA ASP B 65 35.89 -23.57 30.08
C ASP B 65 34.63 -23.42 29.24
N PHE B 66 34.39 -22.24 28.65
CA PHE B 66 33.13 -21.95 27.94
C PHE B 66 33.43 -21.19 26.66
N ARG B 67 32.54 -21.34 25.68
CA ARG B 67 32.40 -20.39 24.56
C ARG B 67 31.72 -19.13 25.09
N VAL B 68 32.35 -17.98 24.88
CA VAL B 68 31.88 -16.65 25.38
C VAL B 68 31.65 -15.73 24.19
N ILE B 69 30.44 -15.19 24.07
CA ILE B 69 30.01 -14.23 23.00
C ILE B 69 29.51 -12.96 23.67
N VAL B 70 29.96 -11.78 23.22
CA VAL B 70 29.52 -10.45 23.73
C VAL B 70 29.17 -9.57 22.53
N PRO B 71 27.88 -9.40 22.18
CA PRO B 71 27.51 -8.52 21.08
C PRO B 71 27.59 -7.07 21.54
N ASN B 72 27.95 -6.16 20.64
CA ASN B 72 27.81 -4.70 20.87
C ASN B 72 26.59 -4.24 20.09
N TRP B 73 25.83 -3.33 20.68
CA TRP B 73 24.57 -2.82 20.10
C TRP B 73 24.92 -1.83 18.98
N ARG B 74 23.91 -1.39 18.25
CA ARG B 74 24.07 -0.46 17.11
C ARG B 74 24.67 0.83 17.66
N GLY B 75 25.75 1.32 17.04
CA GLY B 75 26.43 2.57 17.44
C GLY B 75 27.29 2.41 18.66
N HIS B 76 27.42 1.18 19.18
CA HIS B 76 28.26 0.84 20.36
C HIS B 76 29.54 0.19 19.86
N GLY B 77 30.58 0.21 20.69
CA GLY B 77 31.88 -0.42 20.40
C GLY B 77 33.02 0.54 20.62
N LEU B 78 34.23 0.13 20.22
CA LEU B 78 35.49 0.91 20.35
C LEU B 78 35.35 2.25 19.61
N SER B 79 34.57 2.28 18.53
CA SER B 79 34.29 3.50 17.73
C SER B 79 32.80 3.82 17.73
N PRO B 80 32.25 4.42 18.80
CA PRO B 80 30.82 4.74 18.85
C PRO B 80 30.43 5.60 17.65
N SER B 81 29.20 5.46 17.16
CA SER B 81 28.68 6.20 15.99
C SER B 81 27.18 6.46 16.12
N GLU B 82 26.69 7.52 15.49
CA GLU B 82 25.26 7.88 15.36
C GLU B 82 24.59 6.83 14.47
N VAL B 83 23.44 6.28 14.90
CA VAL B 83 22.64 5.29 14.14
C VAL B 83 21.16 5.66 14.26
N PRO B 84 20.27 5.10 13.40
CA PRO B 84 18.83 5.31 13.55
C PRO B 84 18.29 4.72 14.87
N ASP B 85 17.20 5.32 15.39
CA ASP B 85 16.56 4.96 16.67
C ASP B 85 16.20 3.48 16.69
N PHE B 86 16.44 2.81 17.82
CA PHE B 86 16.15 1.38 18.04
C PHE B 86 15.97 1.15 19.55
N GLY B 87 15.25 0.07 19.90
CA GLY B 87 14.87 -0.29 21.28
C GLY B 87 15.37 -1.66 21.64
N TYR B 88 14.88 -2.25 22.74
CA TYR B 88 15.39 -3.56 23.24
C TYR B 88 14.94 -4.70 22.32
N GLN B 89 13.83 -4.54 21.60
CA GLN B 89 13.36 -5.57 20.63
C GLN B 89 14.42 -5.77 19.53
N GLU B 90 15.02 -4.67 19.04
CA GLU B 90 16.07 -4.72 17.99
C GLU B 90 17.34 -5.33 18.58
N GLN B 91 17.70 -4.93 19.81
CA GLN B 91 18.84 -5.56 20.54
C GLN B 91 18.67 -7.09 20.51
N VAL B 92 17.48 -7.60 20.82
CA VAL B 92 17.16 -9.06 20.87
C VAL B 92 17.37 -9.69 19.48
N LYS B 93 16.86 -9.07 18.42
CA LYS B 93 16.98 -9.60 17.03
C LYS B 93 18.45 -9.56 16.63
N ASP B 94 19.16 -8.48 16.94
CA ASP B 94 20.60 -8.31 16.64
C ASP B 94 21.37 -9.45 17.31
N ALA B 95 21.02 -9.78 18.55
CA ALA B 95 21.69 -10.82 19.37
C ALA B 95 21.47 -12.21 18.74
N LEU B 96 20.23 -12.54 18.40
CA LEU B 96 19.86 -13.87 17.83
C LEU B 96 20.49 -14.03 16.44
N GLU B 97 20.57 -12.95 15.65
CA GLU B 97 21.13 -12.97 14.27
C GLU B 97 22.65 -13.24 14.38
N ILE B 98 23.32 -12.69 15.40
CA ILE B 98 24.76 -12.96 15.68
C ILE B 98 24.92 -14.43 16.10
N LEU B 99 23.98 -14.97 16.88
CA LEU B 99 24.02 -16.38 17.33
C LEU B 99 23.78 -17.33 16.15
N ASP B 100 22.87 -16.96 15.23
CA ASP B 100 22.56 -17.73 14.00
C ASP B 100 23.81 -17.78 13.12
N GLN B 101 24.43 -16.62 12.84
CA GLN B 101 25.68 -16.51 12.04
C GLN B 101 26.76 -17.42 12.66
N LEU B 102 26.82 -17.53 13.98
CA LEU B 102 27.88 -18.28 14.72
C LEU B 102 27.52 -19.76 14.87
N GLY B 103 26.29 -20.15 14.52
CA GLY B 103 25.79 -21.53 14.64
C GLY B 103 25.57 -21.96 16.09
N VAL B 104 25.27 -21.02 16.99
CA VAL B 104 25.06 -21.33 18.44
C VAL B 104 23.58 -21.73 18.63
N GLU B 105 23.33 -22.91 19.17
CA GLU B 105 21.97 -23.40 19.49
C GLU B 105 21.62 -22.95 20.91
N THR B 106 22.18 -23.62 21.92
CA THR B 106 21.84 -23.44 23.36
C THR B 106 22.77 -22.38 23.96
N PHE B 107 22.22 -21.40 24.70
CA PHE B 107 23.04 -20.34 25.35
C PHE B 107 22.46 -20.01 26.73
N LEU B 108 23.36 -19.57 27.61
CA LEU B 108 23.03 -18.99 28.93
C LEU B 108 23.30 -17.49 28.83
N PRO B 109 22.24 -16.65 28.77
CA PRO B 109 22.42 -15.20 28.71
C PRO B 109 22.71 -14.64 30.11
N VAL B 110 23.60 -13.65 30.16
CA VAL B 110 23.98 -12.92 31.41
C VAL B 110 23.99 -11.43 31.05
N SER B 111 23.21 -10.62 31.76
CA SER B 111 23.01 -9.18 31.46
C SER B 111 23.59 -8.32 32.59
N HIS B 112 23.92 -7.07 32.25
CA HIS B 112 24.25 -6.00 33.22
C HIS B 112 23.22 -4.89 33.09
N ALA B 113 22.68 -4.44 34.23
CA ALA B 113 21.70 -3.33 34.36
C ALA B 113 20.64 -3.52 33.27
N HIS B 114 20.42 -2.51 32.41
CA HIS B 114 19.27 -2.45 31.48
C HIS B 114 19.51 -3.26 30.20
N GLY B 115 20.61 -4.01 30.13
CA GLY B 115 20.72 -5.19 29.27
C GLY B 115 19.71 -6.26 29.64
N GLY B 116 19.11 -6.17 30.83
CA GLY B 116 18.16 -7.17 31.34
C GLY B 116 16.89 -7.20 30.50
N TRP B 117 16.45 -6.05 30.00
CA TRP B 117 15.27 -5.90 29.11
C TRP B 117 15.51 -6.75 27.86
N VAL B 118 16.73 -6.72 27.31
CA VAL B 118 17.20 -7.58 26.19
C VAL B 118 17.14 -9.03 26.63
N LEU B 119 17.68 -9.38 27.81
CA LEU B 119 17.76 -10.79 28.31
C LEU B 119 16.35 -11.39 28.46
N VAL B 120 15.40 -10.68 29.08
CA VAL B 120 14.05 -11.24 29.41
C VAL B 120 13.28 -11.41 28.08
N GLU B 121 13.40 -10.46 27.16
CA GLU B 121 12.72 -10.55 25.85
C GLU B 121 13.39 -11.67 25.04
N LEU B 122 14.72 -11.81 25.15
CA LEU B 122 15.49 -12.90 24.50
C LEU B 122 14.99 -14.26 25.01
N LEU B 123 14.73 -14.39 26.31
CA LEU B 123 14.20 -15.65 26.89
C LEU B 123 12.85 -15.97 26.25
N GLU B 124 11.99 -14.97 26.15
CA GLU B 124 10.64 -15.10 25.53
C GLU B 124 10.80 -15.61 24.11
N GLN B 125 11.56 -14.89 23.27
N GLN B 125 11.56 -14.89 23.27
CA GLN B 125 11.65 -15.16 21.81
CA GLN B 125 11.65 -15.16 21.80
C GLN B 125 12.39 -16.49 21.55
C GLN B 125 12.38 -16.49 21.57
N ALA B 126 13.51 -16.71 22.24
CA ALA B 126 14.36 -17.91 22.04
C ALA B 126 13.69 -19.14 22.66
N GLY B 127 12.87 -18.96 23.69
CA GLY B 127 12.15 -20.06 24.35
C GLY B 127 13.08 -20.93 25.19
N PRO B 128 12.50 -21.79 26.06
CA PRO B 128 13.26 -22.47 27.11
C PRO B 128 14.18 -23.62 26.70
N GLU B 129 14.08 -24.11 25.45
CA GLU B 129 15.00 -25.15 24.92
C GLU B 129 16.34 -24.50 24.54
N ARG B 130 16.33 -23.38 23.82
CA ARG B 130 17.56 -22.64 23.41
C ARG B 130 18.14 -21.85 24.59
N ALA B 131 17.29 -21.34 25.48
CA ALA B 131 17.65 -20.39 26.58
C ALA B 131 16.97 -20.86 27.85
N PRO B 132 17.47 -21.96 28.45
CA PRO B 132 16.80 -22.60 29.58
C PRO B 132 16.88 -21.83 30.91
N ARG B 133 17.86 -20.92 31.04
CA ARG B 133 18.09 -20.11 32.27
C ARG B 133 18.65 -18.74 31.91
N GLY B 134 18.70 -17.83 32.87
CA GLY B 134 19.32 -16.49 32.68
C GLY B 134 19.84 -15.94 33.99
N ILE B 135 20.91 -15.15 33.92
CA ILE B 135 21.45 -14.38 35.07
C ILE B 135 21.37 -12.91 34.75
N ILE B 136 20.77 -12.14 35.66
CA ILE B 136 20.70 -10.66 35.56
C ILE B 136 21.57 -10.08 36.67
N MET B 137 22.45 -9.16 36.30
CA MET B 137 23.34 -8.47 37.26
C MET B 137 22.89 -7.03 37.43
N ASP B 138 22.83 -6.60 38.69
CA ASP B 138 22.66 -5.22 39.18
C ASP B 138 21.65 -4.45 38.32
N TRP B 139 20.38 -4.87 38.36
CA TRP B 139 19.27 -4.33 37.56
C TRP B 139 18.15 -3.88 38.50
N LEU B 140 17.81 -2.60 38.45
CA LEU B 140 16.82 -1.96 39.34
C LEU B 140 15.46 -2.65 39.15
N MET B 141 15.10 -3.50 40.13
CA MET B 141 13.93 -4.41 40.11
C MET B 141 12.62 -3.66 40.30
N TRP B 142 12.65 -2.51 40.98
CA TRP B 142 11.45 -1.67 41.25
C TRP B 142 11.31 -0.62 40.15
N ALA B 143 10.12 -0.04 40.02
CA ALA B 143 9.85 1.12 39.13
C ALA B 143 10.71 2.30 39.59
N PRO B 144 11.11 3.21 38.67
CA PRO B 144 12.02 4.29 39.01
C PRO B 144 11.59 5.09 40.25
N LYS B 145 12.44 5.13 41.27
CA LYS B 145 12.37 6.09 42.41
C LYS B 145 12.71 7.48 41.86
N PRO B 146 12.39 8.58 42.59
CA PRO B 146 12.54 9.92 42.05
C PRO B 146 13.91 10.25 41.42
N ASP B 147 15.02 9.97 42.12
CA ASP B 147 16.39 10.32 41.68
C ASP B 147 16.68 9.66 40.32
N PHE B 148 16.37 8.38 40.14
CA PHE B 148 16.61 7.63 38.87
C PHE B 148 15.69 8.15 37.76
N ALA B 149 14.42 8.41 38.08
CA ALA B 149 13.43 9.02 37.15
C ALA B 149 13.98 10.36 36.67
N LYS B 150 14.52 11.15 37.59
CA LYS B 150 15.16 12.46 37.30
C LYS B 150 16.37 12.25 36.38
N SER B 151 17.25 11.29 36.69
CA SER B 151 18.42 10.92 35.85
C SER B 151 17.97 10.63 34.40
N LEU B 152 16.90 9.86 34.21
CA LEU B 152 16.44 9.51 32.84
C LEU B 152 16.01 10.78 32.10
N THR B 153 15.29 11.67 32.80
CA THR B 153 14.83 12.98 32.26
C THR B 153 16.03 13.76 31.73
N LEU B 154 17.13 13.81 32.48
CA LEU B 154 18.36 14.58 32.14
C LEU B 154 19.07 13.96 30.95
N LEU B 155 19.13 12.62 30.86
CA LEU B 155 19.78 11.88 29.74
C LEU B 155 19.10 12.27 28.42
N LYS B 156 17.77 12.42 28.42
CA LYS B 156 16.96 12.74 27.21
C LYS B 156 17.07 14.24 26.87
N ASP B 157 17.61 15.05 27.77
CA ASP B 157 17.78 16.52 27.58
C ASP B 157 19.07 16.79 26.80
N PRO B 158 18.97 17.35 25.57
CA PRO B 158 20.17 17.64 24.77
C PRO B 158 21.09 18.65 25.45
N GLU B 159 20.59 19.43 26.41
CA GLU B 159 21.35 20.46 27.15
C GLU B 159 21.99 19.88 28.42
N ARG B 160 21.48 18.77 28.97
CA ARG B 160 21.78 18.35 30.36
C ARG B 160 22.16 16.86 30.44
N TRP B 161 22.46 16.21 29.31
CA TRP B 161 22.70 14.75 29.25
C TRP B 161 23.96 14.38 30.04
N ARG B 162 25.03 15.18 29.93
CA ARG B 162 26.31 14.90 30.61
C ARG B 162 26.13 15.08 32.11
N GLU B 163 25.36 16.09 32.52
CA GLU B 163 24.88 16.26 33.92
C GLU B 163 24.18 14.97 34.38
N GLY B 164 23.32 14.40 33.51
CA GLY B 164 22.66 13.10 33.77
C GLY B 164 23.68 12.01 34.06
N THR B 165 24.66 11.82 33.16
CA THR B 165 25.69 10.75 33.27
C THR B 165 26.51 10.96 34.54
N HIS B 166 26.86 12.21 34.90
CA HIS B 166 27.69 12.52 36.09
C HIS B 166 26.97 12.09 37.38
N GLY B 167 25.67 12.40 37.49
CA GLY B 167 24.83 11.98 38.63
C GLY B 167 24.72 10.46 38.74
N LEU B 168 24.62 9.76 37.61
CA LEU B 168 24.58 8.27 37.60
C LEU B 168 25.93 7.70 38.04
N PHE B 169 27.05 8.20 37.50
CA PHE B 169 28.41 7.76 37.89
C PHE B 169 28.55 7.87 39.41
N ASP B 170 28.09 8.97 40.02
CA ASP B 170 28.10 9.18 41.50
C ASP B 170 27.34 8.05 42.22
N VAL B 171 26.14 7.72 41.75
CA VAL B 171 25.29 6.63 42.34
C VAL B 171 26.03 5.29 42.18
N TRP B 172 26.62 5.06 41.00
CA TRP B 172 27.25 3.75 40.64
C TRP B 172 28.52 3.49 41.47
N LEU B 173 29.33 4.53 41.72
CA LEU B 173 30.60 4.37 42.47
C LEU B 173 30.34 4.33 43.98
N ASP B 174 29.22 4.92 44.43
CA ASP B 174 28.68 4.81 45.80
C ASP B 174 29.73 5.20 46.84
N GLY B 175 30.53 6.24 46.56
CA GLY B 175 31.51 6.78 47.51
C GLY B 175 32.83 6.02 47.50
N HIS B 176 33.01 5.10 46.54
CA HIS B 176 34.22 4.24 46.43
C HIS B 176 35.19 4.84 45.42
N ASP B 177 36.47 4.86 45.78
CA ASP B 177 37.62 5.09 44.86
C ASP B 177 37.98 3.73 44.24
N GLU B 178 37.10 3.23 43.38
CA GLU B 178 37.25 1.89 42.75
C GLU B 178 37.91 2.08 41.38
N LYS B 179 39.22 1.87 41.31
CA LYS B 179 40.11 2.24 40.19
C LYS B 179 39.55 1.72 38.85
N ARG B 180 39.23 0.43 38.79
CA ARG B 180 38.78 -0.27 37.55
C ARG B 180 37.42 0.26 37.09
N VAL B 181 36.52 0.59 38.01
CA VAL B 181 35.14 1.01 37.66
C VAL B 181 35.23 2.47 37.17
N ARG B 182 36.04 3.29 37.84
CA ARG B 182 36.30 4.70 37.42
C ARG B 182 36.84 4.70 35.99
N HIS B 183 37.78 3.80 35.68
CA HIS B 183 38.42 3.65 34.33
C HIS B 183 37.34 3.34 33.29
N HIS B 184 36.41 2.44 33.62
CA HIS B 184 35.28 2.06 32.73
C HIS B 184 34.40 3.27 32.44
N LEU B 185 34.00 4.02 33.49
CA LEU B 185 33.04 5.14 33.38
C LEU B 185 33.69 6.34 32.67
N LEU B 186 34.95 6.64 32.97
CA LEU B 186 35.59 7.92 32.56
C LEU B 186 36.49 7.74 31.34
N GLU B 187 36.89 6.51 30.99
CA GLU B 187 37.73 6.24 29.80
C GLU B 187 36.96 5.40 28.78
N GLU B 188 36.38 4.27 29.21
CA GLU B 188 35.81 3.27 28.27
C GLU B 188 34.44 3.77 27.81
N MET B 189 33.83 4.72 28.52
CA MET B 189 32.50 5.25 28.14
C MET B 189 32.59 6.71 27.70
N ALA B 190 33.79 7.29 27.65
CA ALA B 190 34.00 8.73 27.35
C ALA B 190 33.53 9.06 25.92
N ASP B 191 33.62 8.10 24.99
CA ASP B 191 33.37 8.34 23.54
C ASP B 191 31.87 8.24 23.21
N TYR B 192 31.02 7.84 24.15
CA TYR B 192 29.55 7.80 23.97
C TYR B 192 28.99 9.21 24.12
N GLY B 193 28.06 9.60 23.23
CA GLY B 193 27.50 10.96 23.15
C GLY B 193 26.01 10.98 23.41
N TYR B 194 25.39 12.15 23.22
CA TYR B 194 23.93 12.35 23.40
C TYR B 194 23.12 11.37 22.55
N ASP B 195 23.61 10.99 21.36
CA ASP B 195 22.87 10.04 20.49
C ASP B 195 22.59 8.76 21.29
N CYS B 196 23.59 8.22 22.01
CA CYS B 196 23.42 6.97 22.79
C CYS B 196 22.63 7.26 24.08
N TRP B 197 23.10 8.21 24.88
CA TRP B 197 22.59 8.47 26.25
C TRP B 197 21.13 8.92 26.17
N GLY B 198 20.83 9.80 25.20
CA GLY B 198 19.45 10.23 24.89
C GLY B 198 18.54 9.04 24.64
N ARG B 199 18.97 8.13 23.76
CA ARG B 199 18.26 6.88 23.40
C ARG B 199 18.05 5.99 24.64
N SER B 200 19.10 5.81 25.45
CA SER B 200 19.05 4.98 26.68
C SER B 200 17.97 5.51 27.62
N GLY B 201 17.91 6.83 27.82
CA GLY B 201 16.85 7.51 28.60
C GLY B 201 15.47 7.16 28.07
N ARG B 202 15.28 7.30 26.76
CA ARG B 202 13.98 7.08 26.05
C ARG B 202 13.56 5.62 26.23
N VAL B 203 14.44 4.68 25.88
CA VAL B 203 14.15 3.22 25.87
C VAL B 203 13.86 2.73 27.29
N ILE B 204 14.69 3.10 28.27
CA ILE B 204 14.56 2.59 29.67
C ILE B 204 13.27 3.16 30.27
N GLU B 205 13.04 4.48 30.14
CA GLU B 205 11.81 5.12 30.64
C GLU B 205 10.59 4.41 30.05
N ASP B 206 10.60 4.14 28.74
CA ASP B 206 9.45 3.48 28.05
C ASP B 206 9.32 2.01 28.51
N ALA B 207 10.43 1.35 28.80
CA ALA B 207 10.48 -0.08 29.24
C ALA B 207 9.72 -0.25 30.56
N TYR B 208 10.06 0.57 31.56
CA TYR B 208 9.37 0.62 32.87
C TYR B 208 7.91 1.02 32.68
N GLY B 209 7.65 2.07 31.88
CA GLY B 209 6.28 2.57 31.62
C GLY B 209 5.40 1.48 31.03
N ARG B 210 5.93 0.75 30.05
CA ARG B 210 5.19 -0.27 29.26
C ARG B 210 5.09 -1.59 30.03
N ASN B 211 6.19 -2.06 30.64
CA ASN B 211 6.26 -3.39 31.32
C ASN B 211 6.05 -3.26 32.82
N GLY B 212 6.06 -2.02 33.35
CA GLY B 212 5.88 -1.76 34.79
C GLY B 212 7.19 -1.89 35.56
N SER B 213 7.85 -3.05 35.49
CA SER B 213 9.13 -3.32 36.18
C SER B 213 9.78 -4.59 35.63
N PRO B 214 11.10 -4.78 35.80
CA PRO B 214 11.74 -6.06 35.47
C PRO B 214 11.02 -7.25 36.13
N MET B 215 10.55 -7.07 37.36
CA MET B 215 9.83 -8.14 38.10
C MET B 215 8.50 -8.45 37.40
N GLN B 216 7.73 -7.44 36.98
CA GLN B 216 6.47 -7.65 36.24
C GLN B 216 6.75 -8.37 34.92
N MET B 217 7.74 -7.92 34.18
CA MET B 217 8.12 -8.52 32.86
C MET B 217 8.53 -9.99 33.03
N MET B 218 9.24 -10.35 34.08
CA MET B 218 9.72 -11.74 34.29
C MET B 218 8.54 -12.63 34.68
N ALA B 219 7.72 -12.18 35.62
CA ALA B 219 6.47 -12.86 36.02
C ALA B 219 5.57 -13.08 34.77
N ASN B 220 5.66 -12.21 33.76
CA ASN B 220 4.77 -12.25 32.57
C ASN B 220 5.28 -13.19 31.47
N LEU B 221 6.44 -13.83 31.62
CA LEU B 221 7.01 -14.77 30.60
C LEU B 221 6.00 -15.90 30.34
N THR B 222 5.79 -16.28 29.07
CA THR B 222 4.95 -17.43 28.65
C THR B 222 5.48 -18.69 29.35
N LYS B 223 6.79 -18.89 29.26
CA LYS B 223 7.53 -20.02 29.87
C LYS B 223 8.51 -19.51 30.94
N THR B 224 8.11 -19.51 32.21
CA THR B 224 9.01 -19.13 33.33
C THR B 224 10.08 -20.22 33.50
N ARG B 225 11.31 -19.79 33.79
CA ARG B 225 12.55 -20.61 33.89
C ARG B 225 13.39 -20.09 35.04
N PRO B 226 14.41 -20.86 35.50
CA PRO B 226 15.38 -20.34 36.48
C PRO B 226 16.06 -19.03 36.06
N ILE B 227 15.88 -17.99 36.88
CA ILE B 227 16.54 -16.67 36.74
C ILE B 227 17.12 -16.27 38.10
N ARG B 228 18.40 -15.93 38.15
CA ARG B 228 19.02 -15.40 39.38
C ARG B 228 19.40 -13.94 39.15
N HIS B 229 19.03 -13.07 40.10
CA HIS B 229 19.50 -11.66 40.19
C HIS B 229 20.72 -11.62 41.12
N ILE B 230 21.90 -11.34 40.59
CA ILE B 230 23.12 -11.12 41.44
C ILE B 230 23.45 -9.62 41.40
N PHE B 231 23.60 -8.98 42.56
CA PHE B 231 23.70 -7.49 42.65
C PHE B 231 24.50 -7.09 43.89
N SER B 232 25.10 -5.89 43.81
CA SER B 232 25.82 -5.21 44.91
C SER B 232 25.02 -4.00 45.40
N GLN B 233 24.21 -3.38 44.53
CA GLN B 233 23.42 -2.17 44.89
C GLN B 233 22.05 -2.24 44.22
N PRO B 234 21.02 -1.49 44.70
CA PRO B 234 21.11 -0.72 45.94
C PRO B 234 21.41 -1.56 47.20
N THR B 235 22.05 -0.95 48.23
CA THR B 235 22.58 -1.67 49.42
C THR B 235 21.55 -1.73 50.56
N GLU B 236 20.48 -0.94 50.48
CA GLU B 236 19.49 -0.77 51.59
C GLU B 236 18.67 -2.03 51.78
N PRO B 237 18.25 -2.33 53.04
CA PRO B 237 17.42 -3.52 53.32
C PRO B 237 16.09 -3.58 52.56
N GLU B 238 15.47 -2.44 52.27
CA GLU B 238 14.20 -2.34 51.49
C GLU B 238 14.37 -3.04 50.13
N TYR B 239 15.53 -2.85 49.48
CA TYR B 239 15.78 -3.44 48.13
C TYR B 239 15.99 -4.95 48.27
N GLU B 240 16.77 -5.40 49.25
CA GLU B 240 16.94 -6.86 49.49
C GLU B 240 15.56 -7.46 49.73
N LYS B 241 14.70 -6.75 50.47
CA LYS B 241 13.34 -7.25 50.84
C LYS B 241 12.48 -7.52 49.59
N ILE B 242 12.48 -6.63 48.58
N ILE B 242 12.48 -6.63 48.59
CA ILE B 242 11.66 -6.85 47.35
CA ILE B 242 11.66 -6.84 47.35
C ILE B 242 12.22 -8.06 46.60
C ILE B 242 12.22 -8.06 46.60
N ASN B 243 13.54 -8.28 46.65
CA ASN B 243 14.17 -9.50 46.04
C ASN B 243 13.72 -10.74 46.82
N SER B 244 13.77 -10.73 48.15
CA SER B 244 13.35 -11.86 49.02
C SER B 244 11.86 -12.15 48.81
N ASP B 245 11.01 -11.12 48.72
CA ASP B 245 9.53 -11.28 48.58
C ASP B 245 9.21 -11.87 47.19
N PHE B 246 9.96 -11.49 46.15
CA PHE B 246 9.74 -11.99 44.79
C PHE B 246 10.16 -13.48 44.72
N ALA B 247 11.29 -13.81 45.33
CA ALA B 247 11.89 -15.18 45.34
C ALA B 247 10.99 -16.14 46.12
N GLU B 248 10.34 -15.63 47.16
CA GLU B 248 9.41 -16.38 48.05
C GLU B 248 8.15 -16.74 47.26
N GLN B 249 7.72 -15.88 46.34
CA GLN B 249 6.48 -16.05 45.55
C GLN B 249 6.74 -16.86 44.28
N HIS B 250 7.96 -16.81 43.72
CA HIS B 250 8.31 -17.42 42.41
C HIS B 250 9.40 -18.46 42.62
N PRO B 251 9.08 -19.77 42.49
CA PRO B 251 10.07 -20.82 42.76
C PRO B 251 11.27 -20.72 41.81
N TRP B 252 11.05 -20.18 40.60
CA TRP B 252 12.07 -20.10 39.53
C TRP B 252 13.06 -18.94 39.79
N PHE B 253 12.68 -17.97 40.65
CA PHE B 253 13.51 -16.76 40.89
C PHE B 253 14.39 -16.97 42.12
N SER B 254 15.67 -16.61 42.00
CA SER B 254 16.63 -16.56 43.14
C SER B 254 17.43 -15.26 43.03
N TYR B 255 18.21 -14.97 44.05
CA TYR B 255 19.08 -13.77 44.07
C TYR B 255 20.27 -14.05 44.97
N ALA B 256 21.33 -13.26 44.79
CA ALA B 256 22.49 -13.27 45.69
C ALA B 256 23.03 -11.85 45.78
N LYS B 257 23.19 -11.35 47.00
CA LYS B 257 23.89 -10.05 47.23
C LYS B 257 25.38 -10.34 47.24
N LEU B 258 26.11 -9.75 46.30
CA LEU B 258 27.55 -10.05 46.09
C LEU B 258 28.43 -9.21 47.01
N GLY B 259 27.92 -8.14 47.60
CA GLY B 259 28.70 -7.30 48.54
C GLY B 259 29.87 -6.62 47.86
N GLY B 260 29.81 -6.39 46.56
CA GLY B 260 30.83 -5.58 45.84
C GLY B 260 30.60 -4.10 46.11
N PRO B 261 31.58 -3.22 45.86
CA PRO B 261 31.39 -1.79 46.13
C PRO B 261 30.50 -1.01 45.16
N THR B 262 30.42 -1.40 43.87
CA THR B 262 29.80 -0.55 42.82
C THR B 262 28.65 -1.26 42.10
N HIS B 263 27.97 -0.50 41.24
CA HIS B 263 26.94 -0.98 40.26
C HIS B 263 27.53 -2.00 39.27
N PHE B 264 28.85 -2.26 39.24
CA PHE B 264 29.51 -3.07 38.17
C PHE B 264 30.22 -4.31 38.72
N PRO B 265 29.47 -5.31 39.24
CA PRO B 265 30.08 -6.52 39.79
C PRO B 265 30.94 -7.32 38.79
N ALA B 266 30.64 -7.25 37.49
CA ALA B 266 31.46 -7.92 36.46
C ALA B 266 32.89 -7.37 36.53
N ILE B 267 33.04 -6.09 36.93
CA ILE B 267 34.37 -5.43 37.05
C ILE B 267 34.96 -5.67 38.45
N ASP B 268 34.20 -5.39 39.50
CA ASP B 268 34.78 -5.27 40.87
C ASP B 268 34.71 -6.62 41.61
N VAL B 269 33.85 -7.58 41.21
CA VAL B 269 33.84 -8.94 41.84
C VAL B 269 33.66 -10.00 40.74
N PRO B 270 34.57 -10.07 39.76
CA PRO B 270 34.38 -10.91 38.59
C PRO B 270 34.36 -12.40 38.95
N ASP B 271 35.16 -12.80 39.94
CA ASP B 271 35.22 -14.18 40.48
C ASP B 271 33.84 -14.56 41.01
N ARG B 272 33.16 -13.66 41.71
CA ARG B 272 31.85 -13.94 42.34
C ARG B 272 30.79 -14.08 41.24
N ALA B 273 30.78 -13.17 40.27
CA ALA B 273 29.84 -13.26 39.13
C ALA B 273 30.04 -14.62 38.46
N ALA B 274 31.31 -14.97 38.20
CA ALA B 274 31.69 -16.19 37.44
C ALA B 274 31.14 -17.45 38.10
N VAL B 275 31.19 -17.53 39.43
CA VAL B 275 30.78 -18.78 40.15
C VAL B 275 29.25 -18.97 40.00
N HIS B 276 28.47 -17.89 39.98
CA HIS B 276 27.01 -17.96 39.74
C HIS B 276 26.71 -18.43 38.32
N ILE B 277 27.48 -17.92 37.36
CA ILE B 277 27.35 -18.28 35.91
C ILE B 277 27.74 -19.75 35.74
N ARG B 278 28.84 -20.19 36.37
CA ARG B 278 29.29 -21.61 36.33
C ARG B 278 28.19 -22.53 36.90
N GLU B 279 27.58 -22.15 38.03
CA GLU B 279 26.51 -22.95 38.69
C GLU B 279 25.35 -23.16 37.70
N PHE B 280 24.94 -22.12 36.99
CA PHE B 280 23.80 -22.18 36.03
C PHE B 280 24.21 -23.01 34.80
N ALA B 281 25.44 -22.86 34.30
CA ALA B 281 25.97 -23.64 33.16
C ALA B 281 26.02 -25.13 33.51
N THR B 282 26.45 -25.47 34.74
CA THR B 282 26.55 -26.86 35.26
C THR B 282 25.15 -27.49 35.36
N ALA B 283 24.18 -26.73 35.87
CA ALA B 283 22.76 -27.15 36.02
C ALA B 283 22.17 -27.46 34.64
N ILE B 284 22.44 -26.65 33.62
CA ILE B 284 21.97 -26.87 32.21
C ILE B 284 22.58 -28.19 31.70
N ARG B 285 23.90 -28.40 31.86
CA ARG B 285 24.64 -29.59 31.36
C ARG B 285 24.08 -30.88 31.97
N GLN B 286 23.67 -30.86 33.23
CA GLN B 286 23.00 -32.01 33.91
C GLN B 286 21.52 -32.03 33.55
N GLY B 287 21.20 -32.52 32.33
CA GLY B 287 19.83 -32.65 31.82
C GLY B 287 19.48 -31.53 30.86
N ASP C 15 -31.90 31.52 12.71
CA ASP C 15 -31.68 30.23 13.42
C ASP C 15 -31.74 30.47 14.94
N THR C 16 -32.01 29.41 15.69
CA THR C 16 -32.11 29.38 17.17
C THR C 16 -30.78 29.78 17.84
N TYR C 17 -29.64 29.71 17.12
CA TYR C 17 -28.28 29.81 17.70
C TYR C 17 -27.58 31.14 17.33
N LEU C 18 -28.28 32.08 16.67
CA LEU C 18 -27.66 33.32 16.15
C LEU C 18 -27.56 34.38 17.27
N HIS C 19 -26.36 34.90 17.52
CA HIS C 19 -26.07 35.96 18.53
C HIS C 19 -25.47 37.20 17.85
N GLU C 20 -25.45 38.32 18.57
CA GLU C 20 -24.75 39.57 18.17
C GLU C 20 -23.95 40.06 19.38
N THR C 21 -22.69 40.43 19.15
CA THR C 21 -21.80 41.05 20.17
C THR C 21 -21.03 42.21 19.54
N LEU C 22 -20.52 43.11 20.38
CA LEU C 22 -19.60 44.20 19.97
C LEU C 22 -18.19 43.61 19.90
N VAL C 23 -17.54 43.71 18.74
CA VAL C 23 -16.13 43.28 18.52
C VAL C 23 -15.33 44.51 18.14
N PHE C 24 -14.50 45.02 19.06
CA PHE C 24 -13.78 46.30 18.91
C PHE C 24 -14.82 47.40 18.58
N ASP C 25 -14.90 47.85 17.32
CA ASP C 25 -15.79 48.97 16.90
C ASP C 25 -17.11 48.47 16.33
N ASN C 26 -17.17 47.22 15.85
CA ASN C 26 -18.28 46.72 15.00
C ASN C 26 -19.15 45.73 15.78
N LYS C 27 -20.45 45.77 15.54
CA LYS C 27 -21.41 44.75 16.01
C LYS C 27 -21.44 43.63 14.96
N LEU C 28 -21.01 42.43 15.36
CA LEU C 28 -20.95 41.25 14.48
C LEU C 28 -21.99 40.22 14.97
N SER C 29 -22.73 39.61 14.03
CA SER C 29 -23.50 38.38 14.29
C SER C 29 -22.55 37.18 14.26
N TYR C 30 -22.95 36.08 14.92
CA TYR C 30 -22.21 34.81 14.97
C TYR C 30 -23.17 33.70 15.42
N ILE C 31 -22.95 32.48 14.93
CA ILE C 31 -23.63 31.24 15.42
C ILE C 31 -22.81 30.71 16.61
N ASP C 32 -23.50 30.27 17.65
CA ASP C 32 -22.92 29.52 18.79
C ASP C 32 -24.02 28.63 19.36
N ASN C 33 -23.88 27.31 19.25
CA ASN C 33 -24.90 26.33 19.70
C ASN C 33 -24.72 26.11 21.21
N GLN C 34 -23.69 26.73 21.80
CA GLN C 34 -23.37 26.68 23.25
C GLN C 34 -23.50 25.25 23.75
N ARG C 35 -23.04 24.27 22.98
CA ARG C 35 -23.04 22.84 23.39
C ARG C 35 -22.00 22.70 24.49
N ASP C 36 -22.38 22.11 25.63
CA ASP C 36 -21.44 21.82 26.75
C ASP C 36 -20.92 20.39 26.56
N THR C 37 -19.66 20.26 26.16
CA THR C 37 -19.04 18.97 25.78
C THR C 37 -17.51 19.13 25.74
N ASP C 38 -16.78 18.06 25.45
CA ASP C 38 -15.30 18.03 25.31
C ASP C 38 -14.89 18.93 24.13
N GLY C 39 -13.68 19.48 24.18
CA GLY C 39 -13.04 20.17 23.04
C GLY C 39 -12.67 19.18 21.94
N PRO C 40 -12.25 19.66 20.76
CA PRO C 40 -12.19 21.08 20.45
C PRO C 40 -13.53 21.66 19.96
N ALA C 41 -13.70 22.98 20.06
CA ALA C 41 -14.77 23.73 19.36
C ALA C 41 -14.51 23.66 17.86
N ILE C 42 -15.57 23.57 17.06
CA ILE C 42 -15.50 23.64 15.58
C ILE C 42 -15.86 25.08 15.17
N LEU C 43 -14.88 25.77 14.60
CA LEU C 43 -15.02 27.15 14.08
C LEU C 43 -15.17 27.07 12.57
N LEU C 44 -16.40 27.30 12.09
CA LEU C 44 -16.74 27.33 10.64
C LEU C 44 -16.58 28.76 10.14
N LEU C 45 -15.65 28.97 9.20
CA LEU C 45 -15.32 30.31 8.65
C LEU C 45 -15.97 30.49 7.29
N PRO C 46 -16.95 31.41 7.14
CA PRO C 46 -17.46 31.78 5.83
C PRO C 46 -16.37 32.48 5.00
N GLY C 47 -16.52 32.46 3.67
CA GLY C 47 -15.72 33.25 2.73
C GLY C 47 -16.28 34.64 2.61
N TRP C 48 -16.03 35.28 1.46
CA TRP C 48 -16.49 36.66 1.18
C TRP C 48 -17.93 36.68 0.69
N CYS C 49 -18.71 37.64 1.19
CA CYS C 49 -20.02 38.10 0.67
C CYS C 49 -21.06 36.97 0.80
N HIS C 50 -20.89 36.16 1.85
CA HIS C 50 -21.94 35.28 2.42
C HIS C 50 -21.66 35.12 3.92
N ASP C 51 -22.52 34.36 4.59
CA ASP C 51 -22.62 34.28 6.07
C ASP C 51 -22.92 32.83 6.46
N HIS C 52 -23.19 32.62 7.76
CA HIS C 52 -23.45 31.35 8.46
C HIS C 52 -24.49 30.48 7.74
N ARG C 53 -25.38 31.06 6.92
CA ARG C 53 -26.45 30.32 6.19
C ARG C 53 -25.81 29.25 5.27
N VAL C 54 -24.60 29.48 4.78
CA VAL C 54 -23.85 28.50 3.94
C VAL C 54 -23.65 27.21 4.74
N TYR C 55 -23.59 27.28 6.07
CA TYR C 55 -23.26 26.14 6.96
C TYR C 55 -24.49 25.50 7.60
N LYS C 56 -25.71 25.92 7.28
CA LYS C 56 -26.91 25.48 8.04
C LYS C 56 -27.02 23.95 8.02
N TYR C 57 -26.67 23.28 6.92
CA TYR C 57 -26.75 21.79 6.79
C TYR C 57 -25.59 21.14 7.55
N LEU C 58 -24.41 21.77 7.50
CA LEU C 58 -23.21 21.21 8.14
C LEU C 58 -23.39 21.29 9.65
N ILE C 59 -23.90 22.42 10.16
CA ILE C 59 -24.16 22.62 11.62
C ILE C 59 -25.06 21.49 12.14
N GLN C 60 -26.10 21.11 11.38
CA GLN C 60 -27.02 19.99 11.73
C GLN C 60 -26.27 18.66 11.85
N GLU C 61 -25.25 18.42 11.02
CA GLU C 61 -24.42 17.19 11.08
C GLU C 61 -23.61 17.17 12.38
N LEU C 62 -23.17 18.34 12.87
CA LEU C 62 -22.17 18.45 13.97
C LEU C 62 -22.84 18.84 15.30
N ASP C 63 -24.07 19.34 15.26
CA ASP C 63 -24.75 20.05 16.38
C ASP C 63 -24.69 19.25 17.67
N ALA C 64 -25.09 17.98 17.61
CA ALA C 64 -25.26 17.08 18.78
C ALA C 64 -23.93 16.89 19.53
N ASP C 65 -22.79 16.77 18.82
CA ASP C 65 -21.54 16.18 19.36
C ASP C 65 -20.47 17.23 19.63
N PHE C 66 -20.61 18.43 19.09
CA PHE C 66 -19.54 19.47 19.18
C PHE C 66 -20.16 20.82 19.51
N ARG C 67 -19.36 21.68 20.12
CA ARG C 67 -19.60 23.14 20.14
C ARG C 67 -19.25 23.68 18.74
N VAL C 68 -20.19 24.39 18.13
CA VAL C 68 -20.03 24.99 16.78
C VAL C 68 -20.18 26.50 16.88
N ILE C 69 -19.17 27.24 16.40
CA ILE C 69 -19.18 28.72 16.29
C ILE C 69 -18.98 29.12 14.82
N VAL C 70 -19.79 30.07 14.31
CA VAL C 70 -19.67 30.63 12.94
C VAL C 70 -19.69 32.15 13.02
N PRO C 71 -18.54 32.85 12.95
CA PRO C 71 -18.53 34.31 13.00
C PRO C 71 -18.94 34.86 11.63
N ASN C 72 -19.63 36.00 11.63
CA ASN C 72 -19.87 36.76 10.38
C ASN C 72 -18.92 37.95 10.37
N TRP C 73 -18.39 38.26 9.19
CA TRP C 73 -17.38 39.32 9.01
C TRP C 73 -18.07 40.69 9.09
N ARG C 74 -17.28 41.75 9.12
CA ARG C 74 -17.80 43.14 9.15
C ARG C 74 -18.63 43.38 7.89
N GLY C 75 -19.84 43.89 8.07
CA GLY C 75 -20.76 44.19 6.97
C GLY C 75 -21.46 42.94 6.44
N HIS C 76 -21.21 41.77 7.03
CA HIS C 76 -21.82 40.48 6.64
C HIS C 76 -22.93 40.13 7.63
N GLY C 77 -23.84 39.24 7.23
CA GLY C 77 -24.93 38.76 8.08
C GLY C 77 -26.26 38.94 7.37
N LEU C 78 -27.36 38.71 8.10
CA LEU C 78 -28.75 38.76 7.59
C LEU C 78 -29.04 40.18 7.11
N SER C 79 -28.40 41.19 7.70
CA SER C 79 -28.51 42.61 7.33
C SER C 79 -27.15 43.16 6.90
N PRO C 80 -26.69 42.87 5.65
CA PRO C 80 -25.43 43.39 5.16
C PRO C 80 -25.42 44.92 5.32
N SER C 81 -24.25 45.51 5.58
CA SER C 81 -24.08 46.96 5.74
C SER C 81 -22.72 47.39 5.18
N GLU C 82 -22.65 48.63 4.71
CA GLU C 82 -21.41 49.31 4.26
C GLU C 82 -20.53 49.52 5.49
N VAL C 83 -19.25 49.15 5.41
CA VAL C 83 -18.26 49.32 6.52
C VAL C 83 -16.96 49.85 5.91
N PRO C 84 -16.02 50.38 6.72
CA PRO C 84 -14.69 50.75 6.22
C PRO C 84 -13.91 49.52 5.72
N ASP C 85 -13.01 49.74 4.75
CA ASP C 85 -12.19 48.69 4.09
C ASP C 85 -11.44 47.87 5.15
N PHE C 86 -11.40 46.54 4.97
CA PHE C 86 -10.70 45.60 5.85
C PHE C 86 -10.34 44.36 5.02
N GLY C 87 -9.32 43.62 5.48
CA GLY C 87 -8.82 42.41 4.81
C GLY C 87 -8.86 41.22 5.74
N TYR C 88 -8.12 40.15 5.40
CA TYR C 88 -8.17 38.87 6.13
C TYR C 88 -7.49 38.98 7.50
N GLN C 89 -6.53 39.90 7.66
CA GLN C 89 -5.90 40.13 8.99
C GLN C 89 -6.95 40.56 10.01
N GLU C 90 -7.90 41.41 9.62
CA GLU C 90 -8.99 41.93 10.49
C GLU C 90 -9.98 40.79 10.76
N GLN C 91 -10.32 40.02 9.72
CA GLN C 91 -11.15 38.80 9.88
C GLN C 91 -10.57 37.93 11.01
N VAL C 92 -9.26 37.70 11.01
CA VAL C 92 -8.54 36.86 12.02
C VAL C 92 -8.69 37.47 13.42
N LYS C 93 -8.47 38.78 13.57
CA LYS C 93 -8.56 39.47 14.90
C LYS C 93 -10.01 39.39 15.38
N ASP C 94 -10.96 39.66 14.49
CA ASP C 94 -12.42 39.62 14.80
C ASP C 94 -12.75 38.21 15.32
N ALA C 95 -12.20 37.17 14.69
CA ALA C 95 -12.47 35.74 15.01
C ALA C 95 -11.93 35.40 16.40
N LEU C 96 -10.67 35.77 16.69
CA LEU C 96 -10.01 35.47 17.98
C LEU C 96 -10.70 36.21 19.13
N GLU C 97 -11.14 37.44 18.88
CA GLU C 97 -11.83 38.30 19.89
C GLU C 97 -13.17 37.65 20.25
N ILE C 98 -13.88 37.08 19.25
CA ILE C 98 -15.16 36.34 19.47
C ILE C 98 -14.85 35.07 20.28
N LEU C 99 -13.73 34.39 20.02
CA LEU C 99 -13.35 33.15 20.75
C LEU C 99 -12.98 33.49 22.20
N ASP C 100 -12.30 34.61 22.42
CA ASP C 100 -11.90 35.10 23.76
C ASP C 100 -13.17 35.40 24.56
N GLN C 101 -14.10 36.19 24.01
CA GLN C 101 -15.40 36.52 24.64
C GLN C 101 -16.14 35.24 25.03
N LEU C 102 -16.06 34.18 24.21
CA LEU C 102 -16.81 32.91 24.39
C LEU C 102 -16.07 31.96 25.35
N GLY C 103 -14.81 32.26 25.69
CA GLY C 103 -13.98 31.43 26.57
C GLY C 103 -13.54 30.14 25.89
N VAL C 104 -13.40 30.14 24.56
CA VAL C 104 -12.95 28.94 23.79
C VAL C 104 -11.43 28.90 23.77
N GLU C 105 -10.82 27.83 24.27
CA GLU C 105 -9.33 27.65 24.25
C GLU C 105 -8.95 26.95 22.93
N THR C 106 -9.22 25.65 22.83
CA THR C 106 -8.81 24.80 21.67
C THR C 106 -9.93 24.78 20.63
N PHE C 107 -9.61 25.00 19.35
CA PHE C 107 -10.61 24.96 18.24
C PHE C 107 -10.02 24.29 17.00
N LEU C 108 -10.92 23.70 16.20
CA LEU C 108 -10.62 23.18 14.85
C LEU C 108 -11.29 24.11 13.86
N PRO C 109 -10.52 24.96 13.14
CA PRO C 109 -11.08 25.84 12.12
C PRO C 109 -11.37 25.07 10.83
N VAL C 110 -12.48 25.43 10.18
CA VAL C 110 -12.92 24.86 8.87
C VAL C 110 -13.36 26.04 8.02
N SER C 111 -12.77 26.20 6.84
CA SER C 111 -13.02 27.36 5.94
C SER C 111 -13.72 26.89 4.68
N HIS C 112 -14.41 27.82 4.03
CA HIS C 112 -14.89 27.70 2.63
C HIS C 112 -14.16 28.73 1.78
N ALA C 113 -13.69 28.30 0.60
CA ALA C 113 -13.07 29.13 -0.45
C ALA C 113 -12.10 30.13 0.24
N HIS C 114 -12.29 31.43 0.04
CA HIS C 114 -11.29 32.46 0.43
C HIS C 114 -11.41 32.86 1.90
N GLY C 115 -12.27 32.19 2.67
CA GLY C 115 -12.13 32.07 4.13
C GLY C 115 -10.86 31.35 4.53
N GLY C 116 -10.20 30.67 3.58
CA GLY C 116 -8.94 29.93 3.84
C GLY C 116 -7.81 30.86 4.22
N TRP C 117 -7.76 32.06 3.65
CA TRP C 117 -6.78 33.12 3.97
C TRP C 117 -6.90 33.47 5.46
N VAL C 118 -8.13 33.58 5.96
CA VAL C 118 -8.47 33.76 7.41
C VAL C 118 -7.95 32.56 8.18
N LEU C 119 -8.24 31.33 7.73
CA LEU C 119 -7.88 30.08 8.46
C LEU C 119 -6.35 29.96 8.61
N VAL C 120 -5.59 30.18 7.54
CA VAL C 120 -4.11 29.96 7.55
C VAL C 120 -3.47 31.03 8.44
N GLU C 121 -3.93 32.28 8.36
CA GLU C 121 -3.40 33.37 9.21
C GLU C 121 -3.80 33.10 10.67
N LEU C 122 -5.02 32.58 10.88
CA LEU C 122 -5.53 32.19 12.22
C LEU C 122 -4.62 31.11 12.82
N LEU C 123 -4.20 30.12 12.02
CA LEU C 123 -3.31 29.04 12.50
C LEU C 123 -1.98 29.66 12.96
N GLU C 124 -1.44 30.59 12.17
CA GLU C 124 -0.19 31.31 12.48
C GLU C 124 -0.36 32.02 13.82
N GLN C 125 -1.36 32.89 13.94
CA GLN C 125 -1.54 33.78 15.12
C GLN C 125 -1.89 32.96 16.36
N ALA C 126 -2.83 32.01 16.24
CA ALA C 126 -3.32 31.20 17.38
C ALA C 126 -2.26 30.18 17.80
N GLY C 127 -1.42 29.72 16.86
CA GLY C 127 -0.37 28.74 17.14
C GLY C 127 -0.94 27.34 17.37
N PRO C 128 -0.07 26.30 17.38
CA PRO C 128 -0.50 24.91 17.26
C PRO C 128 -1.11 24.27 18.52
N GLU C 129 -1.02 24.92 19.68
CA GLU C 129 -1.64 24.45 20.95
C GLU C 129 -3.15 24.75 20.90
N ARG C 130 -3.53 25.96 20.52
CA ARG C 130 -4.95 26.40 20.43
C ARG C 130 -5.59 25.85 19.16
N ALA C 131 -4.84 25.74 18.05
CA ALA C 131 -5.34 25.41 16.70
C ALA C 131 -4.41 24.36 16.10
N PRO C 132 -4.53 23.10 16.57
CA PRO C 132 -3.58 22.04 16.20
C PRO C 132 -3.75 21.52 14.77
N ARG C 133 -4.90 21.75 14.13
CA ARG C 133 -5.21 21.27 12.76
C ARG C 133 -6.16 22.25 12.06
N GLY C 134 -6.36 22.10 10.76
CA GLY C 134 -7.39 22.85 10.01
C GLY C 134 -7.92 22.07 8.83
N ILE C 135 -9.16 22.35 8.42
CA ILE C 135 -9.77 21.84 7.17
C ILE C 135 -10.12 23.04 6.28
N ILE C 136 -9.67 22.99 5.05
CA ILE C 136 -10.00 24.01 4.01
C ILE C 136 -10.90 23.33 2.97
N MET C 137 -12.02 23.95 2.65
CA MET C 137 -12.97 23.41 1.65
C MET C 137 -12.92 24.27 0.40
N ASP C 138 -12.86 23.60 -0.76
CA ASP C 138 -13.00 24.15 -2.13
C ASP C 138 -12.33 25.52 -2.26
N TRP C 139 -11.00 25.55 -2.13
CA TRP C 139 -10.15 26.75 -2.18
C TRP C 139 -9.11 26.61 -3.29
N LEU C 140 -9.18 27.50 -4.29
CA LEU C 140 -8.28 27.48 -5.47
C LEU C 140 -6.82 27.56 -5.03
N MET C 141 -6.13 26.42 -5.08
CA MET C 141 -4.76 26.18 -4.55
C MET C 141 -3.69 26.81 -5.43
N TRP C 142 -3.97 27.00 -6.72
CA TRP C 142 -3.03 27.61 -7.70
C TRP C 142 -3.32 29.11 -7.79
N ALA C 143 -2.37 29.88 -8.30
CA ALA C 143 -2.53 31.32 -8.60
C ALA C 143 -3.60 31.47 -9.68
N PRO C 144 -4.34 32.59 -9.71
CA PRO C 144 -5.49 32.73 -10.59
C PRO C 144 -5.16 32.41 -12.06
N LYS C 145 -5.88 31.43 -12.63
N LYS C 145 -5.89 31.46 -12.63
CA LYS C 145 -5.94 31.19 -14.09
CA LYS C 145 -5.94 31.21 -14.09
C LYS C 145 -6.74 32.33 -14.73
C LYS C 145 -6.74 32.34 -14.73
N PRO C 146 -6.66 32.52 -16.07
CA PRO C 146 -7.32 33.64 -16.72
C PRO C 146 -8.78 33.92 -16.34
N ASP C 147 -9.64 32.90 -16.39
N ASP C 147 -9.64 32.90 -16.38
CA ASP C 147 -11.11 33.06 -16.15
CA ASP C 147 -11.11 33.02 -16.14
C ASP C 147 -11.35 33.68 -14.76
C ASP C 147 -11.36 33.67 -14.76
N PHE C 148 -10.71 33.14 -13.72
CA PHE C 148 -10.86 33.60 -12.31
C PHE C 148 -10.25 35.00 -12.15
N ALA C 149 -9.07 35.25 -12.75
CA ALA C 149 -8.40 36.58 -12.76
C ALA C 149 -9.35 37.59 -13.38
N LYS C 150 -10.01 37.22 -14.49
CA LYS C 150 -11.01 38.05 -15.19
C LYS C 150 -12.19 38.32 -14.25
N SER C 151 -12.73 37.29 -13.60
CA SER C 151 -13.82 37.42 -12.60
C SER C 151 -13.46 38.45 -11.51
N LEU C 152 -12.25 38.40 -10.97
CA LEU C 152 -11.83 39.34 -9.89
C LEU C 152 -11.84 40.76 -10.45
N THR C 153 -11.35 40.96 -11.67
CA THR C 153 -11.31 42.28 -12.36
C THR C 153 -12.73 42.86 -12.41
N LEU C 154 -13.73 42.04 -12.76
CA LEU C 154 -15.14 42.47 -12.92
C LEU C 154 -15.75 42.81 -11.55
N LEU C 155 -15.44 42.04 -10.50
CA LEU C 155 -15.95 42.27 -9.12
C LEU C 155 -15.53 43.67 -8.65
N LYS C 156 -14.31 44.08 -8.98
CA LYS C 156 -13.73 45.40 -8.55
C LYS C 156 -14.28 46.54 -9.41
N ASP C 157 -14.94 46.22 -10.53
CA ASP C 157 -15.52 47.22 -11.47
C ASP C 157 -16.90 47.67 -10.97
N PRO C 158 -17.07 48.95 -10.61
CA PRO C 158 -18.36 49.43 -10.12
C PRO C 158 -19.47 49.34 -11.19
N GLU C 159 -19.10 49.23 -12.46
CA GLU C 159 -20.05 49.09 -13.60
C GLU C 159 -20.40 47.62 -13.89
N ARG C 160 -19.55 46.66 -13.49
CA ARG C 160 -19.62 45.27 -14.02
C ARG C 160 -19.57 44.22 -12.89
N TRP C 161 -19.76 44.62 -11.63
CA TRP C 161 -19.58 43.71 -10.46
C TRP C 161 -20.61 42.57 -10.51
N ARG C 162 -21.87 42.87 -10.85
CA ARG C 162 -22.96 41.86 -10.88
C ARG C 162 -22.70 40.89 -12.04
N GLU C 163 -22.22 41.39 -13.18
CA GLU C 163 -21.66 40.57 -14.29
C GLU C 163 -20.59 39.62 -13.74
N GLY C 164 -19.70 40.12 -12.89
CA GLY C 164 -18.67 39.33 -12.19
C GLY C 164 -19.30 38.18 -11.40
N THR C 165 -20.27 38.49 -10.53
CA THR C 165 -20.94 37.50 -9.66
C THR C 165 -21.66 36.46 -10.53
N HIS C 166 -22.30 36.87 -11.63
CA HIS C 166 -23.08 35.96 -12.52
C HIS C 166 -22.13 34.92 -13.15
N GLY C 167 -20.95 35.35 -13.65
CA GLY C 167 -19.92 34.46 -14.19
C GLY C 167 -19.39 33.48 -13.17
N LEU C 168 -19.20 33.92 -11.91
CA LEU C 168 -18.77 33.02 -10.82
C LEU C 168 -19.87 32.00 -10.49
N PHE C 169 -21.12 32.42 -10.36
CA PHE C 169 -22.27 31.51 -10.08
C PHE C 169 -22.30 30.41 -11.15
N ASP C 170 -22.09 30.75 -12.44
CA ASP C 170 -22.01 29.77 -13.56
C ASP C 170 -20.91 28.73 -13.29
N VAL C 171 -19.72 29.17 -12.89
CA VAL C 171 -18.55 28.28 -12.61
C VAL C 171 -18.89 27.41 -11.41
N TRP C 172 -19.52 27.99 -10.38
CA TRP C 172 -19.76 27.30 -9.08
C TRP C 172 -20.84 26.20 -9.24
N LEU C 173 -21.85 26.43 -10.05
CA LEU C 173 -22.96 25.46 -10.25
C LEU C 173 -22.54 24.37 -11.26
N ASP C 174 -21.60 24.69 -12.15
CA ASP C 174 -20.91 23.76 -13.08
C ASP C 174 -21.95 22.96 -13.91
N GLY C 175 -23.00 23.64 -14.37
CA GLY C 175 -24.03 23.07 -15.25
C GLY C 175 -25.08 22.28 -14.50
N HIS C 176 -25.09 22.31 -13.16
CA HIS C 176 -26.01 21.54 -12.29
C HIS C 176 -27.21 22.41 -11.88
N ASP C 177 -28.41 21.82 -11.94
CA ASP C 177 -29.65 22.40 -11.38
C ASP C 177 -29.74 21.97 -9.91
N GLU C 178 -28.81 22.46 -9.09
CA GLU C 178 -28.63 22.05 -7.68
C GLU C 178 -29.42 23.05 -6.81
N LYS C 179 -30.61 22.63 -6.41
CA LYS C 179 -31.68 23.46 -5.79
C LYS C 179 -31.12 24.28 -4.61
N ARG C 180 -30.46 23.61 -3.67
CA ARG C 180 -29.97 24.22 -2.41
C ARG C 180 -28.86 25.23 -2.68
N VAL C 181 -28.00 24.97 -3.66
CA VAL C 181 -26.83 25.86 -3.95
C VAL C 181 -27.35 27.09 -4.68
N ARG C 182 -28.29 26.90 -5.62
CA ARG C 182 -28.95 28.02 -6.34
C ARG C 182 -29.60 28.95 -5.31
N HIS C 183 -30.27 28.40 -4.29
CA HIS C 183 -30.97 29.15 -3.21
C HIS C 183 -29.96 30.02 -2.45
N HIS C 184 -28.80 29.46 -2.12
CA HIS C 184 -27.69 30.18 -1.44
C HIS C 184 -27.20 31.35 -2.30
N LEU C 185 -26.93 31.12 -3.59
CA LEU C 185 -26.34 32.12 -4.52
C LEU C 185 -27.35 33.23 -4.84
N LEU C 186 -28.61 32.88 -5.06
CA LEU C 186 -29.61 33.79 -5.65
C LEU C 186 -30.52 34.38 -4.57
N GLU C 187 -30.58 33.80 -3.38
CA GLU C 187 -31.44 34.30 -2.27
C GLU C 187 -30.57 34.73 -1.08
N GLU C 188 -29.67 33.87 -0.62
CA GLU C 188 -28.94 34.11 0.65
C GLU C 188 -27.80 35.08 0.40
N MET C 189 -27.42 35.33 -0.87
CA MET C 189 -26.34 36.29 -1.19
C MET C 189 -26.89 37.50 -1.94
N ALA C 190 -28.20 37.57 -2.16
CA ALA C 190 -28.85 38.63 -2.97
C ALA C 190 -28.66 40.01 -2.30
N ASP C 191 -28.53 40.07 -0.98
CA ASP C 191 -28.49 41.34 -0.20
C ASP C 191 -27.10 41.96 -0.18
N TYR C 192 -26.07 41.23 -0.65
CA TYR C 192 -24.67 41.74 -0.69
C TYR C 192 -24.54 42.63 -1.92
N GLY C 193 -23.82 43.77 -1.78
CA GLY C 193 -23.67 44.80 -2.82
C GLY C 193 -22.23 44.95 -3.28
N TYR C 194 -21.97 45.94 -4.15
CA TYR C 194 -20.62 46.30 -4.64
C TYR C 194 -19.67 46.56 -3.47
N ASP C 195 -20.14 47.10 -2.34
CA ASP C 195 -19.29 47.35 -1.15
C ASP C 195 -18.58 46.05 -0.77
N CYS C 196 -19.31 44.93 -0.69
CA CYS C 196 -18.73 43.61 -0.30
C CYS C 196 -17.96 43.01 -1.48
N TRP C 197 -18.59 42.89 -2.64
CA TRP C 197 -18.05 42.12 -3.80
C TRP C 197 -16.79 42.83 -4.33
N GLY C 198 -16.84 44.16 -4.40
CA GLY C 198 -15.67 44.99 -4.75
C GLY C 198 -14.50 44.70 -3.83
N ARG C 199 -14.75 44.71 -2.50
CA ARG C 199 -13.76 44.41 -1.43
C ARG C 199 -13.20 42.99 -1.63
N SER C 200 -14.06 42.00 -1.86
CA SER C 200 -13.66 40.57 -2.04
C SER C 200 -12.69 40.45 -3.22
N GLY C 201 -12.97 41.13 -4.33
CA GLY C 201 -12.09 41.20 -5.51
C GLY C 201 -10.71 41.73 -5.12
N ARG C 202 -10.70 42.87 -4.41
CA ARG C 202 -9.49 43.59 -3.97
C ARG C 202 -8.67 42.69 -3.04
N VAL C 203 -9.30 42.18 -1.98
CA VAL C 203 -8.62 41.38 -0.91
C VAL C 203 -8.05 40.09 -1.51
N ILE C 204 -8.84 39.34 -2.29
CA ILE C 204 -8.39 38.02 -2.84
C ILE C 204 -7.25 38.27 -3.84
N GLU C 205 -7.39 39.22 -4.76
CA GLU C 205 -6.32 39.57 -5.72
C GLU C 205 -5.03 39.91 -4.96
N ASP C 206 -5.13 40.71 -3.90
CA ASP C 206 -3.96 41.14 -3.07
C ASP C 206 -3.40 39.93 -2.30
N ALA C 207 -4.25 38.99 -1.86
CA ALA C 207 -3.85 37.80 -1.08
C ALA C 207 -2.92 36.93 -1.93
N TYR C 208 -3.33 36.59 -3.15
CA TYR C 208 -2.52 35.83 -4.14
C TYR C 208 -1.25 36.62 -4.47
N GLY C 209 -1.38 37.93 -4.74
CA GLY C 209 -0.25 38.81 -5.08
C GLY C 209 0.80 38.83 -3.98
N ARG C 210 0.35 38.93 -2.72
CA ARG C 210 1.22 39.07 -1.52
C ARG C 210 1.79 37.70 -1.12
N ASN C 211 0.95 36.66 -1.07
CA ASN C 211 1.31 35.34 -0.48
C ASN C 211 1.61 34.32 -1.59
N GLY C 212 1.39 34.68 -2.85
CA GLY C 212 1.66 33.83 -4.03
C GLY C 212 0.51 32.85 -4.29
N SER C 213 0.20 32.01 -3.31
CA SER C 213 -0.88 30.99 -3.40
C SER C 213 -1.19 30.44 -2.01
N PRO C 214 -2.39 29.86 -1.79
CA PRO C 214 -2.68 29.15 -0.55
C PRO C 214 -1.59 28.10 -0.21
N MET C 215 -1.07 27.41 -1.23
CA MET C 215 -0.01 26.40 -1.01
C MET C 215 1.28 27.06 -0.50
N GLN C 216 1.68 28.20 -1.09
CA GLN C 216 2.87 28.96 -0.60
C GLN C 216 2.66 29.40 0.86
N MET C 217 1.50 29.96 1.16
CA MET C 217 1.18 30.50 2.51
C MET C 217 1.19 29.37 3.55
N MET C 218 0.70 28.18 3.22
CA MET C 218 0.65 27.05 4.17
C MET C 218 2.07 26.51 4.41
N ALA C 219 2.83 26.32 3.33
CA ALA C 219 4.26 25.90 3.38
C ALA C 219 5.05 26.90 4.24
N ASN C 220 4.62 28.17 4.30
CA ASN C 220 5.38 29.26 4.97
C ASN C 220 5.06 29.37 6.47
N LEU C 221 4.13 28.58 7.00
CA LEU C 221 3.73 28.63 8.44
C LEU C 221 4.97 28.39 9.32
N THR C 222 5.14 29.17 10.39
CA THR C 222 6.22 29.00 11.40
C THR C 222 6.14 27.58 11.96
N LYS C 223 4.93 27.16 12.35
CA LYS C 223 4.62 25.81 12.89
C LYS C 223 3.65 25.09 11.94
N THR C 224 4.16 24.21 11.07
CA THR C 224 3.31 23.41 10.15
C THR C 224 2.54 22.38 10.99
N ARG C 225 1.29 22.12 10.61
CA ARG C 225 0.32 21.23 11.30
C ARG C 225 -0.50 20.47 10.26
N PRO C 226 -1.21 19.40 10.68
CA PRO C 226 -2.16 18.72 9.79
C PRO C 226 -3.24 19.64 9.18
N ILE C 227 -3.27 19.73 7.86
CA ILE C 227 -4.28 20.48 7.07
C ILE C 227 -4.80 19.54 5.96
N ARG C 228 -6.11 19.38 5.85
CA ARG C 228 -6.74 18.65 4.73
C ARG C 228 -7.53 19.63 3.85
N HIS C 229 -7.32 19.56 2.55
CA HIS C 229 -8.14 20.25 1.52
C HIS C 229 -9.21 19.27 1.03
N ILE C 230 -10.49 19.53 1.34
CA ILE C 230 -11.61 18.72 0.78
C ILE C 230 -12.33 19.60 -0.25
N PHE C 231 -12.53 19.08 -1.47
CA PHE C 231 -13.02 19.90 -2.62
C PHE C 231 -13.76 19.04 -3.63
N SER C 232 -14.66 19.67 -4.39
CA SER C 232 -15.42 19.07 -5.51
C SER C 232 -14.92 19.64 -6.83
N GLN C 233 -14.44 20.89 -6.82
CA GLN C 233 -13.98 21.57 -8.07
C GLN C 233 -12.73 22.38 -7.77
N PRO C 234 -11.90 22.71 -8.79
CA PRO C 234 -12.07 22.23 -10.17
C PRO C 234 -12.01 20.70 -10.31
N THR C 235 -12.69 20.14 -11.32
CA THR C 235 -12.88 18.68 -11.53
C THR C 235 -11.76 18.08 -12.40
N GLU C 236 -10.95 18.90 -13.06
CA GLU C 236 -9.91 18.45 -14.04
C GLU C 236 -8.79 17.69 -13.33
N PRO C 237 -8.18 16.69 -14.00
CA PRO C 237 -7.04 15.95 -13.45
C PRO C 237 -5.81 16.80 -13.09
N GLU C 238 -5.56 17.88 -13.82
CA GLU C 238 -4.44 18.83 -13.58
C GLU C 238 -4.55 19.39 -12.16
N TYR C 239 -5.76 19.70 -11.69
CA TYR C 239 -5.98 20.29 -10.35
C TYR C 239 -5.75 19.21 -9.28
N GLU C 240 -6.28 18.01 -9.49
CA GLU C 240 -6.02 16.90 -8.54
C GLU C 240 -4.51 16.68 -8.44
N LYS C 241 -3.80 16.78 -9.57
CA LYS C 241 -2.34 16.52 -9.63
C LYS C 241 -1.57 17.52 -8.74
N ILE C 242 -1.90 18.81 -8.75
CA ILE C 242 -1.18 19.80 -7.88
C ILE C 242 -1.46 19.47 -6.40
N ASN C 243 -2.67 18.99 -6.08
CA ASN C 243 -3.01 18.55 -4.69
C ASN C 243 -2.18 17.30 -4.34
N SER C 244 -2.10 16.29 -5.23
CA SER C 244 -1.29 15.06 -5.00
C SER C 244 0.20 15.41 -4.87
N ASP C 245 0.73 16.32 -5.70
CA ASP C 245 2.17 16.70 -5.69
C ASP C 245 2.50 17.46 -4.39
N PHE C 246 1.57 18.28 -3.89
CA PHE C 246 1.78 19.06 -2.64
C PHE C 246 1.77 18.10 -1.45
N ALA C 247 0.82 17.15 -1.43
CA ALA C 247 0.63 16.17 -0.34
C ALA C 247 1.83 15.22 -0.26
N GLU C 248 2.41 14.90 -1.42
CA GLU C 248 3.59 14.00 -1.55
C GLU C 248 4.82 14.69 -0.94
N GLN C 249 4.90 16.01 -1.06
CA GLN C 249 6.06 16.82 -0.60
C GLN C 249 5.92 17.22 0.87
N HIS C 250 4.68 17.36 1.37
CA HIS C 250 4.39 17.87 2.73
C HIS C 250 3.63 16.81 3.52
N PRO C 251 4.28 16.16 4.52
CA PRO C 251 3.65 15.07 5.26
C PRO C 251 2.37 15.54 5.98
N TRP C 252 2.32 16.83 6.35
CA TRP C 252 1.21 17.42 7.14
C TRP C 252 -0.02 17.71 6.24
N PHE C 253 0.15 17.76 4.92
CA PHE C 253 -0.95 18.10 3.97
C PHE C 253 -1.61 16.83 3.45
N SER C 254 -2.94 16.80 3.44
CA SER C 254 -3.76 15.76 2.77
C SER C 254 -4.88 16.43 2.00
N TYR C 255 -5.59 15.66 1.21
CA TYR C 255 -6.75 16.16 0.44
C TYR C 255 -7.73 15.01 0.21
N ALA C 256 -8.98 15.36 -0.08
CA ALA C 256 -9.99 14.39 -0.54
C ALA C 256 -10.88 15.10 -1.56
N LYS C 257 -11.02 14.52 -2.74
CA LYS C 257 -11.99 14.94 -3.77
C LYS C 257 -13.36 14.34 -3.38
N LEU C 258 -14.33 15.19 -3.12
CA LEU C 258 -15.63 14.78 -2.53
C LEU C 258 -16.61 14.36 -3.63
N GLY C 259 -16.38 14.76 -4.88
CA GLY C 259 -17.26 14.42 -6.02
C GLY C 259 -18.66 15.00 -5.86
N GLY C 260 -18.81 16.11 -5.14
CA GLY C 260 -20.07 16.89 -5.11
C GLY C 260 -20.28 17.64 -6.42
N PRO C 261 -21.49 18.10 -6.76
CA PRO C 261 -21.68 18.84 -8.00
C PRO C 261 -21.11 20.29 -8.06
N THR C 262 -21.04 20.99 -6.94
CA THR C 262 -20.78 22.47 -6.94
C THR C 262 -19.55 22.84 -6.13
N HIS C 263 -19.18 24.13 -6.21
CA HIS C 263 -18.18 24.82 -5.35
C HIS C 263 -18.53 24.77 -3.87
N PHE C 264 -19.71 24.29 -3.45
CA PHE C 264 -20.24 24.44 -2.06
C PHE C 264 -20.51 23.08 -1.40
N PRO C 265 -19.46 22.27 -1.10
CA PRO C 265 -19.66 20.97 -0.47
C PRO C 265 -20.37 21.01 0.88
N ALA C 266 -20.21 22.08 1.66
CA ALA C 266 -20.92 22.25 2.95
C ALA C 266 -22.43 22.19 2.69
N ILE C 267 -22.89 22.62 1.51
CA ILE C 267 -24.33 22.60 1.13
C ILE C 267 -24.69 21.25 0.47
N ASP C 268 -23.94 20.83 -0.54
CA ASP C 268 -24.40 19.75 -1.45
C ASP C 268 -23.90 18.38 -0.98
N VAL C 269 -22.86 18.28 -0.13
CA VAL C 269 -22.42 16.97 0.45
C VAL C 269 -22.08 17.18 1.93
N PRO C 270 -23.02 17.67 2.76
CA PRO C 270 -22.73 18.05 4.13
C PRO C 270 -22.28 16.85 4.98
N ASP C 271 -22.87 15.67 4.75
CA ASP C 271 -22.47 14.41 5.43
C ASP C 271 -20.99 14.11 5.15
N ARG C 272 -20.53 14.31 3.91
CA ARG C 272 -19.13 14.00 3.53
C ARG C 272 -18.19 15.02 4.19
N ALA C 273 -18.52 16.30 4.13
CA ALA C 273 -17.73 17.35 4.82
C ALA C 273 -17.60 16.98 6.30
N ALA C 274 -18.72 16.61 6.94
CA ALA C 274 -18.82 16.34 8.39
C ALA C 274 -17.86 15.21 8.78
N VAL C 275 -17.75 14.17 7.97
CA VAL C 275 -16.93 12.98 8.36
C VAL C 275 -15.46 13.37 8.37
N HIS C 276 -15.01 14.26 7.48
CA HIS C 276 -13.61 14.76 7.49
C HIS C 276 -13.34 15.63 8.73
N ILE C 277 -14.32 16.45 9.10
CA ILE C 277 -14.25 17.34 10.30
C ILE C 277 -14.21 16.45 11.55
N ARG C 278 -15.07 15.43 11.62
CA ARG C 278 -15.11 14.47 12.77
C ARG C 278 -13.76 13.75 12.91
N GLU C 279 -13.17 13.31 11.80
CA GLU C 279 -11.86 12.60 11.80
C GLU C 279 -10.80 13.49 12.45
N PHE C 280 -10.75 14.77 12.08
CA PHE C 280 -9.74 15.73 12.61
C PHE C 280 -10.03 16.04 14.08
N ALA C 281 -11.30 16.20 14.46
CA ALA C 281 -11.71 16.43 15.87
C ALA C 281 -11.32 15.24 16.75
N THR C 282 -11.51 14.01 16.25
CA THR C 282 -11.18 12.75 16.97
C THR C 282 -9.66 12.64 17.16
N ALA C 283 -8.89 12.99 16.13
CA ALA C 283 -7.40 12.97 16.15
C ALA C 283 -6.87 13.95 17.21
N ILE C 284 -7.48 15.15 17.32
CA ILE C 284 -7.12 16.18 18.34
C ILE C 284 -7.41 15.59 19.74
N ARG C 285 -8.58 15.00 19.96
CA ARG C 285 -9.03 14.44 21.27
C ARG C 285 -8.08 13.33 21.75
N GLN C 286 -7.55 12.51 20.84
CA GLN C 286 -6.53 11.47 21.16
C GLN C 286 -5.15 12.12 21.24
N GLY C 287 -4.86 12.78 22.36
CA GLY C 287 -3.58 13.45 22.65
C GLY C 287 -3.65 14.95 22.42
N ASP D 15 -25.25 -15.01 -32.33
CA ASP D 15 -25.59 -13.73 -32.99
C ASP D 15 -26.65 -13.97 -34.08
N THR D 16 -27.37 -12.91 -34.43
CA THR D 16 -28.46 -12.89 -35.43
C THR D 16 -27.95 -13.24 -36.83
N TYR D 17 -26.63 -13.16 -37.08
CA TYR D 17 -26.02 -13.23 -38.44
C TYR D 17 -25.27 -14.54 -38.69
N LEU D 18 -25.32 -15.50 -37.75
CA LEU D 18 -24.52 -16.75 -37.81
C LEU D 18 -25.22 -17.78 -38.71
N HIS D 19 -24.51 -18.28 -39.73
CA HIS D 19 -24.99 -19.32 -40.67
C HIS D 19 -24.09 -20.55 -40.59
N GLU D 20 -24.55 -21.68 -41.15
CA GLU D 20 -23.77 -22.91 -41.35
C GLU D 20 -23.99 -23.39 -42.78
N THR D 21 -22.92 -23.76 -43.49
CA THR D 21 -22.95 -24.36 -44.84
C THR D 21 -21.93 -25.49 -44.92
N LEU D 22 -22.12 -26.39 -45.89
CA LEU D 22 -21.17 -27.48 -46.24
C LEU D 22 -20.10 -26.87 -47.15
N VAL D 23 -18.83 -26.99 -46.74
CA VAL D 23 -17.65 -26.52 -47.52
C VAL D 23 -16.81 -27.77 -47.81
N PHE D 24 -16.82 -28.24 -49.06
CA PHE D 24 -16.20 -29.52 -49.47
C PHE D 24 -16.76 -30.62 -48.55
N ASP D 25 -15.98 -31.11 -47.57
CA ASP D 25 -16.35 -32.26 -46.70
C ASP D 25 -16.93 -31.78 -45.36
N ASN D 26 -16.63 -30.55 -44.94
CA ASN D 26 -16.86 -30.08 -43.55
C ASN D 26 -18.00 -29.06 -43.52
N LYS D 27 -18.77 -29.08 -42.44
CA LYS D 27 -19.78 -28.06 -42.12
C LYS D 27 -19.08 -26.94 -41.34
N LEU D 28 -19.07 -25.74 -41.90
CA LEU D 28 -18.45 -24.54 -41.28
C LEU D 28 -19.55 -23.55 -40.90
N SER D 29 -19.47 -22.97 -39.70
CA SER D 29 -20.23 -21.75 -39.33
C SER D 29 -19.50 -20.53 -39.92
N TYR D 30 -20.25 -19.45 -40.13
CA TYR D 30 -19.74 -18.16 -40.65
C TYR D 30 -20.75 -17.06 -40.31
N ILE D 31 -20.25 -15.86 -40.07
CA ILE D 31 -21.07 -14.62 -39.97
C ILE D 31 -21.27 -14.06 -41.38
N ASP D 32 -22.49 -13.62 -41.68
CA ASP D 32 -22.84 -12.86 -42.90
C ASP D 32 -24.03 -11.97 -42.53
N ASN D 33 -23.84 -10.65 -42.51
CA ASN D 33 -24.90 -9.69 -42.13
C ASN D 33 -25.80 -9.44 -43.35
N GLN D 34 -25.44 -10.03 -44.50
CA GLN D 34 -26.20 -9.97 -45.78
C GLN D 34 -26.63 -8.52 -46.04
N ARG D 35 -25.77 -7.55 -45.75
CA ARG D 35 -26.04 -6.12 -46.01
C ARG D 35 -26.03 -5.94 -47.52
N ASP D 36 -27.08 -5.33 -48.06
CA ASP D 36 -27.18 -4.92 -49.49
C ASP D 36 -26.62 -3.50 -49.61
N THR D 37 -25.43 -3.39 -50.21
CA THR D 37 -24.68 -2.12 -50.36
C THR D 37 -23.55 -2.34 -51.37
N ASP D 38 -22.81 -1.27 -51.67
CA ASP D 38 -21.63 -1.26 -52.59
C ASP D 38 -20.54 -2.17 -52.01
N GLY D 39 -19.69 -2.71 -52.88
CA GLY D 39 -18.43 -3.38 -52.50
C GLY D 39 -17.42 -2.39 -51.92
N PRO D 40 -16.30 -2.87 -51.35
CA PRO D 40 -16.04 -4.30 -51.20
C PRO D 40 -16.70 -4.91 -49.94
N ALA D 41 -16.86 -6.23 -49.91
CA ALA D 41 -17.19 -6.98 -48.68
C ALA D 41 -15.98 -6.92 -47.75
N ILE D 42 -16.24 -6.84 -46.45
CA ILE D 42 -15.18 -6.93 -45.40
C ILE D 42 -15.16 -8.37 -44.89
N LEU D 43 -14.06 -9.07 -45.14
CA LEU D 43 -13.82 -10.46 -44.71
C LEU D 43 -12.91 -10.41 -43.47
N LEU D 44 -13.49 -10.66 -42.29
CA LEU D 44 -12.76 -10.70 -41.00
C LEU D 44 -12.30 -12.15 -40.76
N LEU D 45 -10.99 -12.37 -40.70
CA LEU D 45 -10.39 -13.72 -40.54
C LEU D 45 -9.96 -13.91 -39.09
N PRO D 46 -10.58 -14.85 -38.36
CA PRO D 46 -10.07 -15.23 -37.04
C PRO D 46 -8.70 -15.93 -37.17
N GLY D 47 -7.92 -15.90 -36.08
CA GLY D 47 -6.71 -16.71 -35.92
C GLY D 47 -7.05 -18.11 -35.48
N TRP D 48 -6.09 -18.78 -34.83
CA TRP D 48 -6.27 -20.18 -34.36
C TRP D 48 -6.97 -20.20 -33.00
N CYS D 49 -7.90 -21.17 -32.86
CA CYS D 49 -8.50 -21.62 -31.59
C CYS D 49 -9.34 -20.50 -30.96
N HIS D 50 -9.94 -19.68 -31.83
CA HIS D 50 -11.09 -18.81 -31.52
C HIS D 50 -11.92 -18.62 -32.79
N ASP D 51 -13.01 -17.87 -32.67
CA ASP D 51 -14.07 -17.79 -33.71
C ASP D 51 -14.55 -16.33 -33.78
N HIS D 52 -15.61 -16.11 -34.57
CA HIS D 52 -16.25 -14.80 -34.88
C HIS D 52 -16.55 -13.97 -33.62
N ARG D 53 -16.67 -14.57 -32.43
CA ARG D 53 -16.94 -13.84 -31.14
C ARG D 53 -15.84 -12.81 -30.88
N VAL D 54 -14.61 -13.05 -31.35
CA VAL D 54 -13.49 -12.06 -31.23
C VAL D 54 -13.87 -10.76 -31.93
N TYR D 55 -14.74 -10.81 -32.95
CA TYR D 55 -15.07 -9.66 -33.82
C TYR D 55 -16.42 -9.04 -33.45
N LYS D 56 -17.10 -9.48 -32.40
CA LYS D 56 -18.50 -9.03 -32.14
C LYS D 56 -18.56 -7.49 -32.02
N TYR D 57 -17.55 -6.84 -31.43
CA TYR D 57 -17.49 -5.37 -31.26
C TYR D 57 -17.15 -4.70 -32.59
N LEU D 58 -16.26 -5.32 -33.35
CA LEU D 58 -15.79 -4.74 -34.63
C LEU D 58 -16.95 -4.80 -35.63
N ILE D 59 -17.68 -5.92 -35.69
CA ILE D 59 -18.86 -6.10 -36.58
C ILE D 59 -19.87 -4.98 -36.31
N GLN D 60 -20.12 -4.63 -35.04
CA GLN D 60 -21.03 -3.52 -34.66
C GLN D 60 -20.56 -2.18 -35.23
N GLU D 61 -19.24 -1.94 -35.32
CA GLU D 61 -18.68 -0.70 -35.90
C GLU D 61 -18.96 -0.65 -37.41
N LEU D 62 -18.96 -1.81 -38.08
CA LEU D 62 -18.98 -1.91 -39.56
C LEU D 62 -20.37 -2.26 -40.10
N ASP D 63 -21.25 -2.78 -39.24
CA ASP D 63 -22.51 -3.48 -39.61
C ASP D 63 -23.34 -2.66 -40.60
N ALA D 64 -23.59 -1.39 -40.25
CA ALA D 64 -24.53 -0.51 -40.98
C ALA D 64 -24.06 -0.26 -42.42
N ASP D 65 -22.75 -0.14 -42.65
CA ASP D 65 -22.19 0.49 -43.88
C ASP D 65 -21.57 -0.54 -44.84
N PHE D 66 -21.33 -1.76 -44.39
CA PHE D 66 -20.60 -2.78 -45.20
C PHE D 66 -21.28 -4.13 -45.06
N ARG D 67 -21.12 -4.96 -46.09
CA ARG D 67 -21.31 -6.42 -45.98
C ARG D 67 -20.11 -7.00 -45.22
N VAL D 68 -20.37 -7.72 -44.14
CA VAL D 68 -19.34 -8.31 -43.24
C VAL D 68 -19.51 -9.82 -43.23
N ILE D 69 -18.43 -10.54 -43.57
CA ILE D 69 -18.38 -12.04 -43.57
C ILE D 69 -17.24 -12.48 -42.64
N VAL D 70 -17.49 -13.44 -41.76
CA VAL D 70 -16.47 -14.01 -40.83
C VAL D 70 -16.56 -15.53 -40.92
N PRO D 71 -15.66 -16.22 -41.63
CA PRO D 71 -15.67 -17.69 -41.66
C PRO D 71 -15.06 -18.22 -40.36
N ASN D 72 -15.56 -19.36 -39.90
CA ASN D 72 -14.92 -20.15 -38.83
C ASN D 72 -14.22 -21.34 -39.49
N TRP D 73 -13.04 -21.67 -38.98
CA TRP D 73 -12.20 -22.73 -39.58
C TRP D 73 -12.78 -24.08 -39.16
N ARG D 74 -12.23 -25.16 -39.74
CA ARG D 74 -12.65 -26.54 -39.43
C ARG D 74 -12.45 -26.79 -37.94
N GLY D 75 -13.48 -27.29 -37.25
CA GLY D 75 -13.44 -27.61 -35.81
C GLY D 75 -13.55 -26.38 -34.93
N HIS D 76 -13.76 -25.20 -35.53
CA HIS D 76 -13.91 -23.92 -34.80
C HIS D 76 -15.40 -23.55 -34.77
N GLY D 77 -15.79 -22.69 -33.83
CA GLY D 77 -17.16 -22.17 -33.72
C GLY D 77 -17.67 -22.37 -32.31
N LEU D 78 -18.96 -22.11 -32.11
CA LEU D 78 -19.66 -22.20 -30.80
C LEU D 78 -19.56 -23.63 -30.26
N SER D 79 -19.47 -24.63 -31.16
CA SER D 79 -19.31 -26.06 -30.81
C SER D 79 -18.01 -26.61 -31.39
N PRO D 80 -16.84 -26.33 -30.76
CA PRO D 80 -15.57 -26.85 -31.28
C PRO D 80 -15.64 -28.38 -31.39
N SER D 81 -14.95 -28.96 -32.37
CA SER D 81 -14.94 -30.43 -32.61
C SER D 81 -13.58 -30.85 -33.17
N GLU D 82 -13.23 -32.11 -32.91
CA GLU D 82 -12.04 -32.80 -33.47
C GLU D 82 -12.26 -32.96 -34.97
N VAL D 83 -11.28 -32.59 -35.80
CA VAL D 83 -11.32 -32.73 -37.29
C VAL D 83 -9.97 -33.24 -37.76
N PRO D 84 -9.85 -33.74 -39.01
CA PRO D 84 -8.56 -34.09 -39.59
C PRO D 84 -7.63 -32.88 -39.72
N ASP D 85 -6.32 -33.12 -39.66
CA ASP D 85 -5.24 -32.10 -39.74
C ASP D 85 -5.40 -31.26 -41.00
N PHE D 86 -5.21 -29.94 -40.86
CA PHE D 86 -5.26 -28.95 -41.97
C PHE D 86 -4.39 -27.75 -41.59
N GLY D 87 -3.94 -27.00 -42.59
CA GLY D 87 -3.04 -25.84 -42.46
C GLY D 87 -3.68 -24.60 -43.06
N TYR D 88 -2.90 -23.55 -43.29
CA TYR D 88 -3.42 -22.24 -43.74
C TYR D 88 -3.88 -22.31 -45.19
N GLN D 89 -3.30 -23.20 -46.00
CA GLN D 89 -3.73 -23.37 -47.42
C GLN D 89 -5.21 -23.80 -47.46
N GLU D 90 -5.62 -24.70 -46.56
CA GLU D 90 -7.03 -25.20 -46.48
C GLU D 90 -7.94 -24.06 -45.96
N GLN D 91 -7.48 -23.31 -44.95
CA GLN D 91 -8.18 -22.10 -44.46
C GLN D 91 -8.52 -21.20 -45.66
N VAL D 92 -7.55 -20.95 -46.56
CA VAL D 92 -7.72 -20.08 -47.76
C VAL D 92 -8.79 -20.66 -48.70
N LYS D 93 -8.74 -21.97 -48.99
CA LYS D 93 -9.71 -22.62 -49.92
C LYS D 93 -11.10 -22.59 -49.28
N ASP D 94 -11.17 -22.88 -47.97
CA ASP D 94 -12.44 -22.85 -47.20
C ASP D 94 -13.06 -21.45 -47.33
N ALA D 95 -12.24 -20.41 -47.23
CA ALA D 95 -12.66 -18.99 -47.24
C ALA D 95 -13.22 -18.62 -48.61
N LEU D 96 -12.51 -18.96 -49.68
CA LEU D 96 -12.90 -18.62 -51.08
C LEU D 96 -14.19 -19.37 -51.46
N GLU D 97 -14.34 -20.62 -51.00
CA GLU D 97 -15.52 -21.47 -51.29
C GLU D 97 -16.75 -20.84 -50.62
N ILE D 98 -16.60 -20.31 -49.41
CA ILE D 98 -17.69 -19.58 -48.69
C ILE D 98 -18.03 -18.30 -49.47
N LEU D 99 -17.03 -17.61 -50.02
CA LEU D 99 -17.25 -16.35 -50.79
C LEU D 99 -17.93 -16.67 -52.13
N ASP D 100 -17.57 -17.78 -52.76
CA ASP D 100 -18.19 -18.25 -54.04
C ASP D 100 -19.67 -18.54 -53.80
N GLN D 101 -19.97 -19.36 -52.78
CA GLN D 101 -21.37 -19.70 -52.38
C GLN D 101 -22.18 -18.41 -52.18
N LEU D 102 -21.57 -17.36 -51.60
CA LEU D 102 -22.25 -16.10 -51.22
C LEU D 102 -22.33 -15.12 -52.40
N GLY D 103 -21.62 -15.41 -53.50
CA GLY D 103 -21.58 -14.56 -54.70
C GLY D 103 -20.77 -13.29 -54.49
N VAL D 104 -19.77 -13.30 -53.59
CA VAL D 104 -18.93 -12.11 -53.28
C VAL D 104 -17.76 -12.09 -54.26
N GLU D 105 -17.62 -11.01 -55.04
CA GLU D 105 -16.49 -10.83 -55.98
C GLU D 105 -15.33 -10.15 -55.26
N THR D 106 -15.43 -8.85 -55.00
CA THR D 106 -14.35 -8.01 -54.42
C THR D 106 -14.48 -8.00 -52.89
N PHE D 107 -13.38 -8.21 -52.16
CA PHE D 107 -13.37 -8.18 -50.67
C PHE D 107 -12.09 -7.52 -50.15
N LEU D 108 -12.21 -6.93 -48.96
CA LEU D 108 -11.08 -6.43 -48.14
C LEU D 108 -10.90 -7.39 -46.98
N PRO D 109 -9.84 -8.23 -46.99
CA PRO D 109 -9.59 -9.14 -45.89
C PRO D 109 -8.92 -8.42 -44.73
N VAL D 110 -9.29 -8.80 -43.51
CA VAL D 110 -8.74 -8.25 -42.24
C VAL D 110 -8.49 -9.45 -41.33
N SER D 111 -7.25 -9.63 -40.87
CA SER D 111 -6.85 -10.79 -40.05
C SER D 111 -6.50 -10.34 -38.63
N HIS D 112 -6.58 -11.28 -37.69
CA HIS D 112 -6.01 -11.16 -36.34
C HIS D 112 -4.91 -12.20 -36.17
N ALA D 113 -3.77 -11.80 -35.62
CA ALA D 113 -2.60 -12.64 -35.31
C ALA D 113 -2.34 -13.60 -36.49
N HIS D 114 -2.35 -14.92 -36.25
CA HIS D 114 -1.89 -15.92 -37.24
C HIS D 114 -2.98 -16.30 -38.25
N GLY D 115 -4.13 -15.62 -38.21
CA GLY D 115 -5.02 -15.44 -39.37
C GLY D 115 -4.32 -14.78 -40.54
N GLY D 116 -3.19 -14.11 -40.29
CA GLY D 116 -2.45 -13.35 -41.30
C GLY D 116 -1.88 -14.27 -42.37
N TRP D 117 -1.46 -15.47 -41.99
CA TRP D 117 -0.95 -16.52 -42.92
C TRP D 117 -2.04 -16.85 -43.95
N VAL D 118 -3.29 -16.94 -43.49
CA VAL D 118 -4.51 -17.11 -44.34
C VAL D 118 -4.65 -15.88 -45.23
N LEU D 119 -4.56 -14.66 -44.68
CA LEU D 119 -4.77 -13.40 -45.43
C LEU D 119 -3.74 -13.26 -46.57
N VAL D 120 -2.46 -13.48 -46.30
CA VAL D 120 -1.38 -13.23 -47.30
C VAL D 120 -1.51 -14.28 -48.42
N GLU D 121 -1.79 -15.54 -48.06
CA GLU D 121 -1.98 -16.61 -49.05
C GLU D 121 -3.27 -16.32 -49.85
N LEU D 122 -4.31 -15.81 -49.18
CA LEU D 122 -5.59 -15.41 -49.83
C LEU D 122 -5.32 -14.31 -50.85
N LEU D 123 -4.48 -13.33 -50.53
CA LEU D 123 -4.12 -12.23 -51.48
C LEU D 123 -3.47 -12.85 -52.72
N GLU D 124 -2.54 -13.78 -52.51
CA GLU D 124 -1.82 -14.49 -53.61
C GLU D 124 -2.86 -15.19 -54.49
N GLN D 125 -3.69 -16.06 -53.92
CA GLN D 125 -4.61 -16.96 -54.68
C GLN D 125 -5.71 -16.12 -55.34
N ALA D 126 -6.33 -15.19 -54.60
CA ALA D 126 -7.47 -14.38 -55.09
C ALA D 126 -6.97 -13.32 -56.08
N GLY D 127 -5.71 -12.87 -55.95
CA GLY D 127 -5.11 -11.89 -56.87
C GLY D 127 -5.68 -10.48 -56.63
N PRO D 128 -5.04 -9.44 -57.20
CA PRO D 128 -5.28 -8.06 -56.80
C PRO D 128 -6.58 -7.41 -57.30
N GLU D 129 -7.31 -8.03 -58.23
CA GLU D 129 -8.63 -7.54 -58.71
C GLU D 129 -9.70 -7.88 -57.66
N ARG D 130 -9.72 -9.12 -57.16
CA ARG D 130 -10.69 -9.56 -56.13
C ARG D 130 -10.29 -9.05 -54.73
N ALA D 131 -9.00 -8.95 -54.45
CA ALA D 131 -8.45 -8.64 -53.11
C ALA D 131 -7.36 -7.58 -53.28
N PRO D 132 -7.77 -6.32 -53.53
CA PRO D 132 -6.83 -5.26 -53.89
C PRO D 132 -5.98 -4.74 -52.71
N ARG D 133 -6.39 -5.01 -51.47
CA ARG D 133 -5.70 -4.55 -50.23
C ARG D 133 -5.93 -5.56 -49.11
N GLY D 134 -5.16 -5.46 -48.02
CA GLY D 134 -5.39 -6.23 -46.79
C GLY D 134 -5.01 -5.44 -45.55
N ILE D 135 -5.64 -5.74 -44.41
CA ILE D 135 -5.24 -5.23 -43.08
C ILE D 135 -4.89 -6.44 -42.21
N ILE D 136 -3.73 -6.42 -41.61
CA ILE D 136 -3.28 -7.43 -40.61
C ILE D 136 -3.26 -6.75 -39.24
N MET D 137 -3.88 -7.38 -38.25
CA MET D 137 -3.89 -6.87 -36.87
C MET D 137 -3.03 -7.76 -35.99
N ASP D 138 -2.18 -7.10 -35.18
CA ASP D 138 -1.37 -7.67 -34.06
C ASP D 138 -0.80 -9.04 -34.44
N TRP D 139 0.09 -9.06 -35.43
CA TRP D 139 0.74 -10.26 -35.98
C TRP D 139 2.25 -10.14 -35.85
N LEU D 140 2.88 -11.03 -35.09
CA LEU D 140 4.35 -11.03 -34.82
C LEU D 140 5.11 -11.10 -36.15
N MET D 141 5.67 -9.95 -36.56
CA MET D 141 6.30 -9.70 -37.88
C MET D 141 7.69 -10.35 -37.97
N TRP D 142 8.36 -10.57 -36.85
CA TRP D 142 9.70 -11.20 -36.79
C TRP D 142 9.53 -12.70 -36.55
N ALA D 143 10.58 -13.47 -36.83
CA ALA D 143 10.69 -14.90 -36.52
C ALA D 143 10.64 -15.06 -35.01
N PRO D 144 10.11 -16.21 -34.50
CA PRO D 144 9.86 -16.36 -33.07
C PRO D 144 11.10 -16.06 -32.22
N LYS D 145 10.99 -15.12 -31.30
CA LYS D 145 11.89 -14.94 -30.14
C LYS D 145 11.73 -16.11 -29.18
N PRO D 146 12.69 -16.34 -28.25
CA PRO D 146 12.66 -17.52 -27.38
C PRO D 146 11.32 -17.83 -26.70
N ASP D 147 10.70 -16.85 -26.04
CA ASP D 147 9.48 -17.02 -25.23
C ASP D 147 8.36 -17.59 -26.12
N PHE D 148 8.13 -17.00 -27.29
CA PHE D 148 7.08 -17.40 -28.25
C PHE D 148 7.39 -18.78 -28.84
N ALA D 149 8.65 -19.03 -29.21
CA ALA D 149 9.15 -20.34 -29.71
C ALA D 149 8.86 -21.41 -28.66
N LYS D 150 9.13 -21.08 -27.39
CA LYS D 150 8.86 -21.96 -26.24
C LYS D 150 7.35 -22.21 -26.13
N SER D 151 6.53 -21.17 -26.20
CA SER D 151 5.05 -21.27 -26.18
C SER D 151 4.57 -22.25 -27.26
N LEU D 152 5.09 -22.19 -28.48
CA LEU D 152 4.65 -23.08 -29.57
C LEU D 152 5.00 -24.53 -29.20
N THR D 153 6.19 -24.75 -28.65
CA THR D 153 6.67 -26.10 -28.21
C THR D 153 5.67 -26.67 -27.20
N LEU D 154 5.20 -25.87 -26.24
CA LEU D 154 4.26 -26.29 -25.16
C LEU D 154 2.88 -26.61 -25.75
N LEU D 155 2.39 -25.82 -26.72
CA LEU D 155 1.07 -26.02 -27.36
C LEU D 155 1.04 -27.42 -28.03
N LYS D 156 2.14 -27.83 -28.65
CA LYS D 156 2.26 -29.13 -29.37
C LYS D 156 2.45 -30.30 -28.37
N ASP D 157 2.72 -30.00 -27.10
CA ASP D 157 2.92 -31.01 -26.03
C ASP D 157 1.56 -31.44 -25.47
N PRO D 158 1.17 -32.72 -25.63
CA PRO D 158 -0.13 -33.18 -25.12
C PRO D 158 -0.21 -33.10 -23.60
N GLU D 159 0.94 -33.00 -22.90
CA GLU D 159 1.01 -32.90 -21.42
C GLU D 159 0.97 -31.42 -20.95
N ARG D 160 1.34 -30.47 -21.79
CA ARG D 160 1.68 -29.09 -21.34
C ARG D 160 0.99 -28.02 -22.18
N TRP D 161 -0.03 -28.38 -22.98
CA TRP D 161 -0.69 -27.45 -23.93
C TRP D 161 -1.40 -26.32 -23.15
N ARG D 162 -2.08 -26.66 -22.04
CA ARG D 162 -2.85 -25.67 -21.25
C ARG D 162 -1.86 -24.71 -20.55
N GLU D 163 -0.74 -25.24 -20.07
CA GLU D 163 0.44 -24.43 -19.61
C GLU D 163 0.84 -23.46 -20.72
N GLY D 164 0.91 -23.93 -21.97
CA GLY D 164 1.20 -23.10 -23.15
C GLY D 164 0.22 -21.95 -23.28
N THR D 165 -1.09 -22.26 -23.26
CA THR D 165 -2.17 -21.26 -23.43
C THR D 165 -2.10 -20.24 -22.28
N HIS D 166 -1.84 -20.67 -21.05
CA HIS D 166 -1.81 -19.78 -19.85
C HIS D 166 -0.69 -18.75 -19.98
N GLY D 167 0.51 -19.18 -20.42
CA GLY D 167 1.66 -18.29 -20.68
C GLY D 167 1.35 -17.29 -21.77
N LEU D 168 0.65 -17.69 -22.83
CA LEU D 168 0.25 -16.78 -23.93
C LEU D 168 -0.78 -15.77 -23.41
N PHE D 169 -1.80 -16.20 -22.67
CA PHE D 169 -2.83 -15.30 -22.08
C PHE D 169 -2.13 -14.21 -21.26
N ASP D 170 -1.12 -14.57 -20.44
CA ASP D 170 -0.29 -13.62 -19.65
C ASP D 170 0.35 -12.56 -20.56
N VAL D 171 0.97 -12.99 -21.67
CA VAL D 171 1.64 -12.09 -22.64
C VAL D 171 0.59 -11.20 -23.30
N TRP D 172 -0.57 -11.76 -23.64
CA TRP D 172 -1.63 -11.04 -24.40
C TRP D 172 -2.29 -9.96 -23.54
N LEU D 173 -2.50 -10.21 -22.25
CA LEU D 173 -3.18 -9.25 -21.35
C LEU D 173 -2.18 -8.19 -20.86
N ASP D 174 -0.88 -8.54 -20.86
CA ASP D 174 0.27 -7.60 -20.65
C ASP D 174 0.08 -6.80 -19.35
N GLY D 175 -0.39 -7.46 -18.29
CA GLY D 175 -0.53 -6.89 -16.94
C GLY D 175 -1.82 -6.09 -16.76
N HIS D 176 -2.74 -6.13 -17.74
CA HIS D 176 -3.99 -5.35 -17.75
C HIS D 176 -5.16 -6.20 -17.23
N ASP D 177 -5.98 -5.60 -16.36
CA ASP D 177 -7.29 -6.14 -15.94
C ASP D 177 -8.34 -5.70 -16.96
N GLU D 178 -8.21 -6.19 -18.20
CA GLU D 178 -9.05 -5.78 -19.36
C GLU D 178 -10.22 -6.77 -19.47
N LYS D 179 -11.38 -6.35 -18.94
CA LYS D 179 -12.59 -7.17 -18.68
C LYS D 179 -12.98 -7.98 -19.95
N ARG D 180 -13.13 -7.29 -21.08
CA ARG D 180 -13.64 -7.89 -22.34
C ARG D 180 -12.63 -8.91 -22.90
N VAL D 181 -11.33 -8.66 -22.76
CA VAL D 181 -10.29 -9.54 -23.36
C VAL D 181 -10.17 -10.78 -22.46
N ARG D 182 -10.24 -10.61 -21.14
CA ARG D 182 -10.25 -11.73 -20.17
C ARG D 182 -11.43 -12.66 -20.48
N HIS D 183 -12.60 -12.09 -20.78
CA HIS D 183 -13.85 -12.83 -21.10
C HIS D 183 -13.63 -13.68 -22.36
N HIS D 184 -12.99 -13.11 -23.39
CA HIS D 184 -12.67 -13.80 -24.66
C HIS D 184 -11.74 -14.99 -24.39
N LEU D 185 -10.66 -14.79 -23.62
CA LEU D 185 -9.62 -15.80 -23.37
C LEU D 185 -10.16 -16.92 -22.46
N LEU D 186 -10.92 -16.58 -21.42
CA LEU D 186 -11.27 -17.52 -20.33
C LEU D 186 -12.68 -18.08 -20.51
N GLU D 187 -13.54 -17.47 -21.33
CA GLU D 187 -14.91 -17.97 -21.58
C GLU D 187 -15.07 -18.38 -23.05
N GLU D 188 -14.73 -17.50 -23.99
CA GLU D 188 -15.07 -17.71 -25.43
C GLU D 188 -14.06 -18.67 -26.04
N MET D 189 -12.94 -18.94 -25.38
CA MET D 189 -11.91 -19.90 -25.89
C MET D 189 -11.83 -21.12 -24.99
N ALA D 190 -12.65 -21.22 -23.94
CA ALA D 190 -12.57 -22.30 -22.93
C ALA D 190 -12.86 -23.68 -23.56
N ASP D 191 -13.66 -23.73 -24.64
CA ASP D 191 -14.15 -24.99 -25.23
C ASP D 191 -13.14 -25.56 -26.24
N TYR D 192 -12.08 -24.82 -26.56
CA TYR D 192 -11.01 -25.30 -27.49
C TYR D 192 -10.06 -26.21 -26.70
N GLY D 193 -9.66 -27.33 -27.32
CA GLY D 193 -8.86 -28.40 -26.69
C GLY D 193 -7.51 -28.57 -27.36
N TYR D 194 -6.75 -29.58 -26.93
CA TYR D 194 -5.42 -29.95 -27.51
C TYR D 194 -5.53 -30.18 -29.02
N ASP D 195 -6.66 -30.69 -29.52
CA ASP D 195 -6.82 -30.91 -30.99
C ASP D 195 -6.56 -29.59 -31.72
N CYS D 196 -7.13 -28.47 -31.25
CA CYS D 196 -6.96 -27.15 -31.90
C CYS D 196 -5.57 -26.58 -31.57
N TRP D 197 -5.25 -26.47 -30.28
CA TRP D 197 -4.04 -25.74 -29.80
C TRP D 197 -2.78 -26.46 -30.29
N GLY D 198 -2.78 -27.79 -30.24
CA GLY D 198 -1.71 -28.64 -30.80
C GLY D 198 -1.48 -28.34 -32.27
N ARG D 199 -2.56 -28.31 -33.06
CA ARG D 199 -2.55 -27.96 -34.50
C ARG D 199 -1.98 -26.54 -34.71
N SER D 200 -2.45 -25.56 -33.93
CA SER D 200 -2.02 -24.14 -34.03
C SER D 200 -0.50 -24.04 -33.84
N GLY D 201 0.04 -24.75 -32.84
CA GLY D 201 1.48 -24.86 -32.59
C GLY D 201 2.22 -25.37 -33.81
N ARG D 202 1.73 -26.47 -34.38
CA ARG D 202 2.34 -27.17 -35.54
C ARG D 202 2.32 -26.24 -36.75
N VAL D 203 1.15 -25.70 -37.09
CA VAL D 203 0.95 -24.87 -38.32
C VAL D 203 1.78 -23.58 -38.23
N ILE D 204 1.73 -22.87 -37.10
CA ILE D 204 2.43 -21.55 -36.95
C ILE D 204 3.94 -21.80 -36.98
N GLU D 205 4.45 -22.77 -36.21
CA GLU D 205 5.89 -23.11 -36.21
C GLU D 205 6.35 -23.42 -37.64
N ASP D 206 5.56 -24.20 -38.39
CA ASP D 206 5.91 -24.60 -39.78
C ASP D 206 5.84 -23.38 -40.72
N ALA D 207 4.89 -22.48 -40.49
CA ALA D 207 4.67 -21.27 -41.30
C ALA D 207 5.92 -20.37 -41.25
N TYR D 208 6.42 -20.05 -40.06
CA TYR D 208 7.66 -19.28 -39.84
C TYR D 208 8.85 -20.04 -40.43
N GLY D 209 8.97 -21.34 -40.13
CA GLY D 209 10.07 -22.19 -40.62
C GLY D 209 10.13 -22.18 -42.14
N ARG D 210 8.98 -22.32 -42.80
CA ARG D 210 8.86 -22.45 -44.28
C ARG D 210 8.96 -21.06 -44.96
N ASN D 211 8.26 -20.05 -44.45
CA ASN D 211 8.14 -18.72 -45.11
C ASN D 211 9.11 -17.71 -44.48
N GLY D 212 9.76 -18.08 -43.37
CA GLY D 212 10.74 -17.22 -42.66
C GLY D 212 10.04 -16.28 -41.70
N SER D 213 9.12 -15.45 -42.20
CA SER D 213 8.39 -14.45 -41.40
C SER D 213 7.22 -13.89 -42.21
N PRO D 214 6.19 -13.32 -41.54
CA PRO D 214 5.13 -12.60 -42.24
C PRO D 214 5.70 -11.55 -43.22
N MET D 215 6.78 -10.87 -42.83
CA MET D 215 7.41 -9.83 -43.68
C MET D 215 8.02 -10.47 -44.93
N GLN D 216 8.71 -11.60 -44.79
CA GLN D 216 9.27 -12.35 -45.96
C GLN D 216 8.15 -12.77 -46.90
N MET D 217 7.09 -13.36 -46.34
CA MET D 217 5.94 -13.86 -47.14
C MET D 217 5.25 -12.71 -47.90
N MET D 218 5.11 -11.52 -47.29
CA MET D 218 4.43 -10.36 -47.95
C MET D 218 5.33 -9.82 -49.07
N ALA D 219 6.63 -9.63 -48.79
CA ALA D 219 7.64 -9.23 -49.78
C ALA D 219 7.64 -10.21 -50.96
N ASN D 220 7.28 -11.49 -50.74
CA ASN D 220 7.36 -12.56 -51.76
C ASN D 220 6.12 -12.63 -52.67
N LEU D 221 5.08 -11.83 -52.41
CA LEU D 221 3.82 -11.83 -53.22
C LEU D 221 4.14 -11.59 -54.69
N THR D 222 3.52 -12.35 -55.60
CA THR D 222 3.64 -12.15 -57.07
C THR D 222 3.21 -10.72 -57.41
N LYS D 223 2.06 -10.30 -56.87
CA LYS D 223 1.46 -8.95 -57.06
C LYS D 223 1.39 -8.26 -55.69
N THR D 224 2.36 -7.40 -55.37
CA THR D 224 2.35 -6.60 -54.12
C THR D 224 1.24 -5.56 -54.22
N ARG D 225 0.56 -5.29 -53.10
CA ARG D 225 -0.62 -4.41 -52.96
C ARG D 225 -0.52 -3.70 -51.61
N PRO D 226 -1.34 -2.64 -51.40
CA PRO D 226 -1.43 -2.01 -50.08
C PRO D 226 -1.80 -2.96 -48.93
N ILE D 227 -0.92 -3.06 -47.94
CA ILE D 227 -1.15 -3.80 -46.68
C ILE D 227 -0.78 -2.89 -45.51
N ARG D 228 -1.68 -2.76 -44.53
CA ARG D 228 -1.37 -2.05 -43.26
C ARG D 228 -1.35 -3.05 -42.11
N HIS D 229 -0.31 -2.98 -41.29
CA HIS D 229 -0.22 -3.69 -39.98
C HIS D 229 -0.67 -2.73 -38.88
N ILE D 230 -1.81 -3.00 -38.24
CA ILE D 230 -2.27 -2.20 -37.07
C ILE D 230 -2.10 -3.09 -35.83
N PHE D 231 -1.43 -2.62 -34.78
CA PHE D 231 -1.02 -3.45 -33.62
C PHE D 231 -0.89 -2.61 -32.36
N SER D 232 -1.04 -3.27 -31.21
CA SER D 232 -0.81 -2.68 -29.86
C SER D 232 0.45 -3.29 -29.24
N GLN D 233 0.78 -4.55 -29.57
CA GLN D 233 1.95 -5.24 -28.98
C GLN D 233 2.67 -6.06 -30.06
N PRO D 234 3.97 -6.42 -29.87
CA PRO D 234 4.77 -5.95 -28.73
C PRO D 234 4.94 -4.41 -28.67
N THR D 235 5.14 -3.85 -27.47
CA THR D 235 5.16 -2.39 -27.18
C THR D 235 6.59 -1.81 -27.31
N GLU D 236 7.63 -2.65 -27.34
CA GLU D 236 9.05 -2.21 -27.27
C GLU D 236 9.46 -1.48 -28.54
N PRO D 237 10.39 -0.50 -28.45
CA PRO D 237 10.87 0.25 -29.62
C PRO D 237 11.51 -0.60 -30.74
N GLU D 238 12.18 -1.69 -30.38
CA GLU D 238 12.81 -2.64 -31.35
C GLU D 238 11.75 -3.14 -32.34
N TYR D 239 10.55 -3.46 -31.86
CA TYR D 239 9.44 -3.99 -32.70
C TYR D 239 8.91 -2.90 -33.62
N GLU D 240 8.69 -1.70 -33.09
CA GLU D 240 8.27 -0.55 -33.95
C GLU D 240 9.31 -0.35 -35.05
N LYS D 241 10.59 -0.49 -34.70
CA LYS D 241 11.71 -0.23 -35.65
C LYS D 241 11.64 -1.19 -36.85
N ILE D 242 11.36 -2.49 -36.65
CA ILE D 242 11.28 -3.44 -37.80
C ILE D 242 10.09 -3.06 -38.68
N ASN D 243 8.99 -2.57 -38.09
CA ASN D 243 7.81 -2.08 -38.84
C ASN D 243 8.20 -0.84 -39.64
N SER D 244 8.90 0.14 -39.03
CA SER D 244 9.33 1.39 -39.71
C SER D 244 10.32 1.06 -40.84
N ASP D 245 11.26 0.13 -40.62
CA ASP D 245 12.30 -0.23 -41.63
C ASP D 245 11.62 -0.95 -42.82
N PHE D 246 10.60 -1.76 -42.57
CA PHE D 246 9.88 -2.50 -43.62
C PHE D 246 9.07 -1.51 -44.47
N ALA D 247 8.37 -0.57 -43.82
CA ALA D 247 7.50 0.44 -44.47
C ALA D 247 8.33 1.40 -45.33
N GLU D 248 9.54 1.70 -44.85
CA GLU D 248 10.52 2.59 -45.54
C GLU D 248 11.02 1.93 -46.83
N GLN D 249 11.13 0.60 -46.84
CA GLN D 249 11.65 -0.17 -47.99
C GLN D 249 10.54 -0.54 -48.97
N HIS D 250 9.30 -0.69 -48.50
CA HIS D 250 8.16 -1.19 -49.31
C HIS D 250 7.06 -0.12 -49.36
N PRO D 251 6.87 0.55 -50.52
CA PRO D 251 5.91 1.65 -50.62
C PRO D 251 4.49 1.18 -50.31
N TRP D 252 4.19 -0.11 -50.57
CA TRP D 252 2.84 -0.72 -50.40
C TRP D 252 2.55 -1.03 -48.92
N PHE D 253 3.56 -1.09 -48.06
CA PHE D 253 3.38 -1.44 -46.62
C PHE D 253 3.26 -0.18 -45.77
N SER D 254 2.30 -0.18 -44.86
CA SER D 254 2.14 0.86 -43.80
C SER D 254 1.84 0.17 -42.48
N TYR D 255 1.86 0.92 -41.40
CA TYR D 255 1.55 0.40 -40.05
C TYR D 255 1.00 1.54 -39.19
N ALA D 256 0.27 1.16 -38.15
CA ALA D 256 -0.18 2.12 -37.11
C ALA D 256 -0.16 1.42 -35.77
N LYS D 257 0.53 2.00 -34.79
CA LYS D 257 0.52 1.54 -33.39
C LYS D 257 -0.74 2.10 -32.73
N LEU D 258 -1.64 1.23 -32.29
CA LEU D 258 -2.99 1.64 -31.82
C LEU D 258 -2.94 1.97 -30.33
N GLY D 259 -1.89 1.59 -29.61
CA GLY D 259 -1.73 1.90 -28.18
C GLY D 259 -2.83 1.31 -27.31
N GLY D 260 -3.47 0.22 -27.75
CA GLY D 260 -4.45 -0.55 -26.96
C GLY D 260 -3.70 -1.34 -25.88
N PRO D 261 -4.36 -1.81 -24.81
CA PRO D 261 -3.66 -2.56 -23.77
C PRO D 261 -3.22 -4.00 -24.13
N THR D 262 -3.95 -4.69 -25.02
CA THR D 262 -3.77 -6.16 -25.20
C THR D 262 -3.44 -6.52 -26.66
N HIS D 263 -3.12 -7.80 -26.86
CA HIS D 263 -2.97 -8.47 -28.18
C HIS D 263 -4.24 -8.42 -29.02
N PHE D 264 -5.39 -7.94 -28.50
CA PHE D 264 -6.71 -8.06 -29.17
C PHE D 264 -7.35 -6.70 -29.45
N PRO D 265 -6.78 -5.89 -30.37
CA PRO D 265 -7.33 -4.56 -30.67
C PRO D 265 -8.78 -4.59 -31.20
N ALA D 266 -9.18 -5.65 -31.90
CA ALA D 266 -10.58 -5.82 -32.37
C ALA D 266 -11.51 -5.75 -31.16
N ILE D 267 -11.07 -6.22 -29.98
CA ILE D 267 -11.88 -6.20 -28.73
C ILE D 267 -11.67 -4.88 -27.98
N ASP D 268 -10.43 -4.48 -27.72
CA ASP D 268 -10.15 -3.40 -26.73
C ASP D 268 -10.13 -2.02 -27.42
N VAL D 269 -9.95 -1.91 -28.74
CA VAL D 269 -10.01 -0.61 -29.46
C VAL D 269 -10.76 -0.79 -30.78
N PRO D 270 -12.01 -1.27 -30.75
CA PRO D 270 -12.72 -1.63 -31.99
C PRO D 270 -12.97 -0.41 -32.89
N ASP D 271 -13.24 0.75 -32.29
CA ASP D 271 -13.41 2.04 -33.00
C ASP D 271 -12.15 2.34 -33.82
N ARG D 272 -10.97 2.12 -33.24
CA ARG D 272 -9.68 2.44 -33.89
C ARG D 272 -9.43 1.46 -35.04
N ALA D 273 -9.63 0.17 -34.81
CA ALA D 273 -9.51 -0.86 -35.88
C ALA D 273 -10.41 -0.45 -37.05
N ALA D 274 -11.67 -0.10 -36.73
CA ALA D 274 -12.74 0.19 -37.71
C ALA D 274 -12.31 1.34 -38.63
N VAL D 275 -11.67 2.37 -38.09
N VAL D 275 -11.68 2.35 -38.06
CA VAL D 275 -11.34 3.59 -38.90
CA VAL D 275 -11.31 3.58 -38.82
C VAL D 275 -10.25 3.22 -39.92
C VAL D 275 -10.28 3.21 -39.89
N HIS D 276 -9.30 2.34 -39.58
CA HIS D 276 -8.28 1.86 -40.54
C HIS D 276 -8.92 1.01 -41.65
N ILE D 277 -9.89 0.18 -41.28
CA ILE D 277 -10.65 -0.70 -42.22
C ILE D 277 -11.47 0.21 -43.15
N ARG D 278 -12.16 1.21 -42.60
CA ARG D 278 -12.96 2.19 -43.41
C ARG D 278 -12.05 2.93 -44.40
N GLU D 279 -10.85 3.34 -43.99
CA GLU D 279 -9.89 4.07 -44.85
C GLU D 279 -9.56 3.20 -46.08
N PHE D 280 -9.29 1.92 -45.86
CA PHE D 280 -8.92 0.97 -46.95
C PHE D 280 -10.13 0.67 -47.84
N ALA D 281 -11.32 0.52 -47.25
CA ALA D 281 -12.59 0.31 -48.00
C ALA D 281 -12.88 1.51 -48.89
N THR D 282 -12.69 2.74 -48.37
CA THR D 282 -12.91 4.02 -49.10
C THR D 282 -11.93 4.12 -50.28
N ALA D 283 -10.66 3.78 -50.06
CA ALA D 283 -9.59 3.80 -51.07
C ALA D 283 -9.93 2.84 -52.22
N ILE D 284 -10.45 1.64 -51.91
CA ILE D 284 -10.89 0.64 -52.93
C ILE D 284 -12.06 1.23 -53.75
N ARG D 285 -13.07 1.81 -53.09
CA ARG D 285 -14.29 2.38 -53.75
C ARG D 285 -13.91 3.50 -54.73
N GLN D 286 -12.91 4.32 -54.40
CA GLN D 286 -12.37 5.38 -55.30
C GLN D 286 -11.41 4.73 -56.31
N GLY D 287 -11.96 4.09 -57.35
CA GLY D 287 -11.20 3.43 -58.44
C GLY D 287 -11.10 1.93 -58.25
#